data_8Y8S
#
_entry.id   8Y8S
#
_cell.length_a   1.00
_cell.length_b   1.00
_cell.length_c   1.00
_cell.angle_alpha   90.00
_cell.angle_beta   90.00
_cell.angle_gamma   90.00
#
_symmetry.space_group_name_H-M   'P 1'
#
_entity_poly.entity_id   1
_entity_poly.type   'polypeptide(L)'
_entity_poly.pdbx_seq_one_letter_code
;MHHHHHHHHAAAGLVPRGSMGRQKELMNRCGEMLHIRYRLLRQALAECLGTLILVMFGCGSVAQVVLSRGTHGGFLTINL
AFGFAVTLAILVAGQVSGAHLNPAVTFAMCFLAREPWIKLPIYTLAQTLGAFLGAGIVFGLYYDAIWAFAGNELVVSGPN
GTAGIFATYPSGHLDMVNGFFDQFIGTAALIVCVLAIVDPYNNPVPRGLEAFTVGLVVLVIGTSMGFNSGYAVNPARDFG
PRLFTALAGWGSEVFTTGQNWWWVPIVSPLLGSIGGVFVYQLMIGCHLEQPPPSTEAENVKLAHMKHKEQI
;
_entity_poly.pdbx_strand_id   A,B,C,D
#
# COMPACT_ATOMS: atom_id res chain seq x y z
N LEU A 34 -11.96 16.47 36.74
CA LEU A 34 -11.22 16.36 35.50
C LEU A 34 -12.16 16.10 34.32
N HIS A 35 -13.39 16.59 34.43
CA HIS A 35 -14.40 16.44 33.40
C HIS A 35 -14.71 17.80 32.79
N ILE A 36 -14.57 17.90 31.46
CA ILE A 36 -14.87 19.16 30.79
C ILE A 36 -16.37 19.45 30.82
N ARG A 37 -17.18 18.41 30.66
CA ARG A 37 -18.66 18.46 30.74
C ARG A 37 -19.26 19.52 29.82
N TYR A 38 -18.52 19.98 28.82
CA TYR A 38 -19.03 20.88 27.79
C TYR A 38 -18.68 20.29 26.43
N ARG A 39 -19.70 20.10 25.59
CA ARG A 39 -19.48 19.43 24.30
C ARG A 39 -18.58 20.26 23.40
N LEU A 40 -18.78 21.58 23.35
CA LEU A 40 -18.02 22.43 22.45
C LEU A 40 -16.55 22.49 22.79
N LEU A 41 -16.16 22.15 24.02
CA LEU A 41 -14.77 22.19 24.42
C LEU A 41 -14.09 20.84 24.25
N ARG A 42 -14.81 19.74 24.49
CA ARG A 42 -14.25 18.42 24.25
C ARG A 42 -13.92 18.23 22.77
N GLN A 43 -14.82 18.69 21.90
CA GLN A 43 -14.58 18.54 20.46
C GLN A 43 -13.40 19.37 19.99
N ALA A 44 -13.23 20.57 20.56
CA ALA A 44 -12.11 21.42 20.17
C ALA A 44 -10.78 20.78 20.55
N LEU A 45 -10.70 20.14 21.72
CA LEU A 45 -9.47 19.47 22.12
C LEU A 45 -9.16 18.28 21.22
N ALA A 46 -10.19 17.57 20.76
CA ALA A 46 -9.96 16.45 19.85
C ALA A 46 -9.47 16.92 18.50
N GLU A 47 -9.92 18.09 18.04
CA GLU A 47 -9.45 18.62 16.77
C GLU A 47 -8.00 19.09 16.86
N CYS A 48 -7.56 19.52 18.05
CA CYS A 48 -6.18 19.97 18.20
C CYS A 48 -5.21 18.80 18.21
N LEU A 49 -5.56 17.72 18.89
CA LEU A 49 -4.68 16.54 18.91
C LEU A 49 -4.69 15.83 17.57
N GLY A 50 -5.84 15.80 16.89
CA GLY A 50 -5.89 15.16 15.59
C GLY A 50 -5.05 15.86 14.55
N THR A 51 -5.12 17.19 14.49
CA THR A 51 -4.32 17.94 13.53
C THR A 51 -2.85 17.95 13.90
N LEU A 52 -2.53 17.77 15.19
CA LEU A 52 -1.13 17.66 15.59
C LEU A 52 -0.48 16.38 15.07
N ILE A 53 -1.24 15.29 14.99
CA ILE A 53 -0.69 14.02 14.55
C ILE A 53 -0.32 14.08 13.07
N LEU A 54 -1.21 14.61 12.24
CA LEU A 54 -0.98 14.58 10.79
C LEU A 54 0.11 15.56 10.38
N VAL A 55 0.18 16.72 11.03
CA VAL A 55 1.20 17.70 10.69
C VAL A 55 2.58 17.21 11.13
N MET A 56 2.67 16.64 12.34
CA MET A 56 3.96 16.13 12.82
C MET A 56 4.42 14.94 11.99
N PHE A 57 3.52 14.00 11.71
CA PHE A 57 3.90 12.83 10.93
C PHE A 57 4.12 13.17 9.47
N GLY A 58 3.24 13.99 8.89
CA GLY A 58 3.36 14.33 7.48
C GLY A 58 4.60 15.16 7.17
N CYS A 59 4.88 16.17 7.99
CA CYS A 59 6.00 17.06 7.71
C CYS A 59 7.34 16.39 8.02
N GLY A 60 7.37 15.36 8.86
CA GLY A 60 8.61 14.67 9.11
C GLY A 60 9.14 13.94 7.89
N SER A 61 8.24 13.33 7.11
CA SER A 61 8.64 12.67 5.87
C SER A 61 9.13 13.69 4.84
N VAL A 62 8.50 14.86 4.79
CA VAL A 62 8.95 15.92 3.90
C VAL A 62 10.36 16.37 4.29
N ALA A 63 10.62 16.50 5.59
CA ALA A 63 11.93 16.94 6.04
C ALA A 63 13.02 15.93 5.66
N GLN A 64 12.73 14.63 5.79
CA GLN A 64 13.70 13.62 5.41
C GLN A 64 14.05 13.69 3.93
N VAL A 65 13.03 13.84 3.09
CA VAL A 65 13.26 13.87 1.65
C VAL A 65 13.96 15.17 1.24
N VAL A 66 13.53 16.29 1.80
CA VAL A 66 14.11 17.58 1.41
C VAL A 66 15.55 17.68 1.88
N LEU A 67 15.80 17.35 3.15
CA LEU A 67 17.15 17.52 3.71
C LEU A 67 18.14 16.54 3.09
N SER A 68 17.74 15.28 2.92
CA SER A 68 18.56 14.28 2.26
C SER A 68 18.20 14.29 0.77
N ARG A 69 18.99 15.01 -0.02
CA ARG A 69 18.66 15.26 -1.42
C ARG A 69 18.71 13.97 -2.21
N GLY A 70 17.53 13.43 -2.53
CA GLY A 70 17.44 12.23 -3.36
C GLY A 70 18.11 11.01 -2.78
N THR A 71 17.98 10.80 -1.48
CA THR A 71 18.59 9.64 -0.85
C THR A 71 17.61 8.81 -0.03
N HIS A 72 16.65 9.46 0.63
CA HIS A 72 15.71 8.77 1.51
C HIS A 72 14.37 8.50 0.85
N GLY A 73 14.25 8.74 -0.45
CA GLY A 73 13.04 8.47 -1.19
C GLY A 73 12.64 9.63 -2.07
N GLY A 74 11.61 9.39 -2.87
CA GLY A 74 11.05 10.36 -3.78
C GLY A 74 9.77 10.98 -3.27
N PHE A 75 8.93 11.41 -4.19
CA PHE A 75 7.66 12.05 -3.84
C PHE A 75 6.59 11.05 -3.43
N LEU A 76 6.79 9.75 -3.70
CA LEU A 76 5.80 8.76 -3.30
C LEU A 76 5.72 8.63 -1.79
N THR A 77 6.87 8.68 -1.10
CA THR A 77 6.88 8.56 0.35
C THR A 77 6.24 9.77 1.02
N ILE A 78 6.39 10.96 0.43
CA ILE A 78 5.78 12.16 1.00
C ILE A 78 4.27 12.04 0.98
N ASN A 79 3.70 11.58 -0.13
CA ASN A 79 2.25 11.46 -0.24
C ASN A 79 1.71 10.21 0.45
N LEU A 80 2.50 9.13 0.50
CA LEU A 80 2.06 7.94 1.21
C LEU A 80 1.96 8.19 2.71
N ALA A 81 2.96 8.84 3.29
CA ALA A 81 2.94 9.12 4.72
C ALA A 81 1.84 10.10 5.08
N PHE A 82 1.63 11.12 4.25
CA PHE A 82 0.56 12.08 4.51
C PHE A 82 -0.81 11.43 4.42
N GLY A 83 -0.99 10.50 3.49
CA GLY A 83 -2.25 9.79 3.39
C GLY A 83 -2.53 8.92 4.61
N PHE A 84 -1.51 8.22 5.11
CA PHE A 84 -1.69 7.38 6.28
C PHE A 84 -1.80 8.20 7.56
N ALA A 85 -1.15 9.36 7.61
CA ALA A 85 -1.25 10.20 8.80
C ALA A 85 -2.66 10.71 9.00
N VAL A 86 -3.36 11.03 7.92
CA VAL A 86 -4.76 11.46 8.02
C VAL A 86 -5.62 10.30 8.51
N THR A 87 -5.31 9.08 8.10
CA THR A 87 -6.07 7.92 8.54
C THR A 87 -5.94 7.73 10.05
N LEU A 88 -4.72 7.87 10.59
CA LEU A 88 -4.53 7.71 12.02
C LEU A 88 -5.19 8.84 12.80
N ALA A 89 -5.12 10.06 12.28
CA ALA A 89 -5.68 11.20 13.01
C ALA A 89 -7.21 11.11 13.09
N ILE A 90 -7.85 10.58 12.05
CA ILE A 90 -9.31 10.47 12.06
C ILE A 90 -9.76 9.45 13.09
N LEU A 91 -9.03 8.34 13.22
CA LEU A 91 -9.42 7.31 14.18
C LEU A 91 -9.27 7.80 15.61
N VAL A 92 -8.30 8.68 15.87
CA VAL A 92 -8.07 9.16 17.23
C VAL A 92 -9.22 10.05 17.68
N ALA A 93 -9.63 11.00 16.83
CA ALA A 93 -10.62 12.01 17.18
C ALA A 93 -11.97 11.79 16.51
N GLY A 94 -12.20 10.63 15.90
CA GLY A 94 -13.44 10.42 15.17
C GLY A 94 -14.67 10.39 16.05
N GLN A 95 -14.60 9.70 17.18
CA GLN A 95 -15.77 9.50 18.03
C GLN A 95 -16.07 10.70 18.93
N VAL A 96 -15.20 11.70 18.97
CA VAL A 96 -15.37 12.85 19.85
C VAL A 96 -15.90 14.06 19.11
N SER A 97 -15.31 14.38 17.96
CA SER A 97 -15.65 15.61 17.24
C SER A 97 -16.04 15.40 15.79
N GLY A 98 -16.05 14.16 15.30
CA GLY A 98 -16.33 13.89 13.90
C GLY A 98 -15.11 13.85 13.01
N ALA A 99 -13.95 14.28 13.51
CA ALA A 99 -12.67 14.17 12.80
C ALA A 99 -12.71 14.90 11.46
N HIS A 100 -12.90 16.21 11.52
CA HIS A 100 -12.81 17.05 10.33
C HIS A 100 -11.35 17.30 9.97
N LEU A 101 -10.59 17.89 10.90
CA LEU A 101 -9.17 18.20 10.72
C LEU A 101 -8.91 19.05 9.49
N ASN A 102 -9.94 19.74 9.01
CA ASN A 102 -9.85 20.53 7.79
C ASN A 102 -10.87 21.66 7.84
N PRO A 103 -10.43 22.92 7.84
CA PRO A 103 -11.40 24.03 7.86
C PRO A 103 -12.32 24.05 6.65
N ALA A 104 -11.89 23.47 5.52
CA ALA A 104 -12.77 23.41 4.36
C ALA A 104 -13.86 22.35 4.53
N VAL A 105 -13.56 21.27 5.26
CA VAL A 105 -14.58 20.24 5.52
C VAL A 105 -15.63 20.79 6.48
N THR A 106 -15.20 21.49 7.54
CA THR A 106 -16.15 22.08 8.47
C THR A 106 -16.97 23.17 7.78
N PHE A 107 -16.33 23.93 6.88
CA PHE A 107 -17.07 24.96 6.13
C PHE A 107 -18.17 24.33 5.29
N ALA A 108 -17.88 23.21 4.64
CA ALA A 108 -18.90 22.54 3.83
C ALA A 108 -19.98 21.93 4.71
N MET A 109 -19.61 21.40 5.88
CA MET A 109 -20.60 20.83 6.78
C MET A 109 -21.60 21.88 7.26
N CYS A 110 -21.11 23.07 7.62
CA CYS A 110 -22.00 24.15 8.04
C CYS A 110 -22.81 24.68 6.87
N PHE A 111 -22.23 24.68 5.67
CA PHE A 111 -22.95 25.18 4.49
C PHE A 111 -24.19 24.36 4.20
N LEU A 112 -24.17 23.07 4.54
CA LEU A 112 -25.32 22.18 4.33
C LEU A 112 -26.24 22.14 5.54
N ALA A 113 -26.00 22.98 6.55
CA ALA A 113 -26.80 23.02 7.78
C ALA A 113 -26.75 21.70 8.53
N ARG A 114 -25.66 20.95 8.38
CA ARG A 114 -25.45 19.74 9.15
C ARG A 114 -24.76 20.00 10.49
N GLU A 115 -24.16 21.17 10.66
CA GLU A 115 -23.51 21.57 11.90
C GLU A 115 -23.77 23.06 12.12
N PRO A 116 -23.80 23.50 13.38
CA PRO A 116 -23.99 24.93 13.64
C PRO A 116 -22.82 25.76 13.11
N TRP A 117 -23.14 27.00 12.73
CA TRP A 117 -22.11 27.91 12.23
C TRP A 117 -21.10 28.29 13.31
N ILE A 118 -21.46 28.13 14.59
CA ILE A 118 -20.55 28.49 15.67
C ILE A 118 -19.37 27.54 15.76
N LYS A 119 -19.46 26.36 15.16
CA LYS A 119 -18.35 25.41 15.18
C LYS A 119 -17.23 25.78 14.22
N LEU A 120 -17.50 26.65 13.25
CA LEU A 120 -16.47 27.04 12.30
C LEU A 120 -15.30 27.77 12.96
N PRO A 121 -15.50 28.80 13.79
CA PRO A 121 -14.34 29.44 14.42
C PRO A 121 -13.73 28.58 15.52
N ILE A 122 -14.52 27.75 16.20
CA ILE A 122 -13.97 26.89 17.24
C ILE A 122 -13.08 25.82 16.64
N TYR A 123 -13.51 25.21 15.54
CA TYR A 123 -12.72 24.13 14.92
C TYR A 123 -11.51 24.69 14.19
N THR A 124 -11.67 25.81 13.49
CA THR A 124 -10.56 26.38 12.74
C THR A 124 -9.43 26.81 13.66
N LEU A 125 -9.76 27.46 14.78
CA LEU A 125 -8.74 27.83 15.74
C LEU A 125 -8.10 26.60 16.38
N ALA A 126 -8.92 25.58 16.67
CA ALA A 126 -8.39 24.35 17.23
C ALA A 126 -7.63 23.52 16.21
N GLN A 127 -7.83 23.78 14.92
CA GLN A 127 -7.07 23.08 13.89
C GLN A 127 -5.77 23.80 13.54
N THR A 128 -5.80 25.13 13.45
CA THR A 128 -4.57 25.88 13.24
C THR A 128 -3.64 25.75 14.43
N LEU A 129 -4.20 25.76 15.65
CA LEU A 129 -3.43 25.46 16.85
C LEU A 129 -3.32 23.95 16.99
N GLY A 130 -2.13 23.42 16.77
CA GLY A 130 -1.93 21.99 16.65
C GLY A 130 -1.13 21.69 15.41
N ALA A 131 -1.41 22.44 14.34
CA ALA A 131 -0.49 22.51 13.22
C ALA A 131 0.69 23.42 13.54
N PHE A 132 0.47 24.42 14.39
CA PHE A 132 1.59 25.24 14.89
C PHE A 132 2.46 24.43 15.82
N LEU A 133 1.86 23.69 16.77
CA LEU A 133 2.64 22.85 17.66
C LEU A 133 3.18 21.62 16.95
N GLY A 134 2.47 21.11 15.94
CA GLY A 134 2.98 19.99 15.17
C GLY A 134 4.26 20.34 14.43
N ALA A 135 4.34 21.55 13.87
CA ALA A 135 5.55 21.99 13.21
C ALA A 135 6.66 22.33 14.19
N GLY A 136 6.32 22.65 15.44
CA GLY A 136 7.36 22.90 16.44
C GLY A 136 8.15 21.66 16.78
N ILE A 137 7.48 20.50 16.82
CA ILE A 137 8.17 19.25 17.09
C ILE A 137 9.07 18.88 15.92
N VAL A 138 8.61 19.11 14.69
CA VAL A 138 9.40 18.76 13.51
C VAL A 138 10.69 19.56 13.48
N PHE A 139 10.61 20.86 13.79
CA PHE A 139 11.82 21.68 13.81
C PHE A 139 12.76 21.25 14.94
N GLY A 140 12.21 20.76 16.05
CA GLY A 140 13.07 20.30 17.14
C GLY A 140 13.86 19.04 16.78
N LEU A 141 13.21 18.10 16.09
CA LEU A 141 13.88 16.86 15.74
C LEU A 141 14.96 17.06 14.69
N TYR A 142 14.71 17.92 13.71
CA TYR A 142 15.64 18.16 12.60
C TYR A 142 16.33 19.51 12.73
N TYR A 143 16.56 19.97 13.96
CA TYR A 143 17.14 21.29 14.16
C TYR A 143 18.56 21.38 13.59
N ASP A 144 19.38 20.35 13.83
CA ASP A 144 20.76 20.40 13.36
C ASP A 144 20.83 20.29 11.83
N ALA A 145 20.03 19.42 11.24
CA ALA A 145 20.08 19.22 9.79
C ALA A 145 19.56 20.44 9.04
N ILE A 146 18.51 21.07 9.55
CA ILE A 146 17.91 22.21 8.87
C ILE A 146 18.89 23.39 8.84
N TRP A 147 19.56 23.65 9.96
CA TRP A 147 20.49 24.77 10.02
C TRP A 147 21.72 24.54 9.17
N ALA A 148 22.20 23.29 9.09
CA ALA A 148 23.39 22.97 8.32
C ALA A 148 23.10 22.75 6.84
N PHE A 149 21.84 22.83 6.42
CA PHE A 149 21.51 22.60 5.02
C PHE A 149 22.14 23.65 4.12
N ALA A 150 22.09 24.92 4.53
CA ALA A 150 22.62 26.03 3.73
C ALA A 150 23.81 26.71 4.40
N GLY A 151 24.41 26.06 5.41
CA GLY A 151 25.51 26.67 6.14
C GLY A 151 25.09 27.12 7.52
N ASN A 152 24.94 28.43 7.70
CA ASN A 152 24.52 28.99 8.98
C ASN A 152 23.40 30.02 8.81
N GLU A 153 22.62 29.92 7.74
CA GLU A 153 21.49 30.81 7.51
C GLU A 153 20.30 29.99 7.06
N LEU A 154 19.10 30.53 7.30
CA LEU A 154 17.85 29.86 6.95
C LEU A 154 17.27 30.56 5.72
N VAL A 155 17.44 29.93 4.56
CA VAL A 155 16.97 30.49 3.29
C VAL A 155 15.57 29.97 3.02
N VAL A 156 14.65 30.88 2.71
CA VAL A 156 13.25 30.50 2.52
C VAL A 156 13.08 29.63 1.28
N SER A 157 13.42 30.17 0.12
CA SER A 157 13.25 29.47 -1.15
C SER A 157 14.51 29.62 -1.99
N GLY A 158 14.72 28.63 -2.86
CA GLY A 158 15.88 28.61 -3.73
C GLY A 158 16.45 27.21 -3.84
N PRO A 159 17.72 27.11 -4.22
CA PRO A 159 18.38 25.80 -4.26
C PRO A 159 18.54 25.19 -2.87
N ASN A 160 19.13 25.95 -1.96
CA ASN A 160 19.26 25.52 -0.56
C ASN A 160 18.13 26.08 0.30
N GLY A 161 16.90 25.76 -0.12
CA GLY A 161 15.71 26.22 0.58
C GLY A 161 15.21 25.17 1.56
N THR A 162 14.85 25.64 2.75
CA THR A 162 14.35 24.77 3.80
C THR A 162 12.99 25.18 4.35
N ALA A 163 12.41 26.27 3.85
CA ALA A 163 11.09 26.69 4.32
C ALA A 163 9.96 25.93 3.65
N GLY A 164 10.24 25.17 2.58
CA GLY A 164 9.22 24.38 1.92
C GLY A 164 8.84 23.11 2.64
N ILE A 165 9.54 22.76 3.71
CA ILE A 165 9.19 21.58 4.49
C ILE A 165 7.85 21.79 5.20
N PHE A 166 7.60 23.03 5.64
CA PHE A 166 6.42 23.34 6.44
C PHE A 166 5.27 23.90 5.63
N ALA A 167 5.54 24.72 4.62
CA ALA A 167 4.50 25.34 3.80
C ALA A 167 4.75 25.03 2.33
N THR A 168 3.87 25.55 1.48
CA THR A 168 3.95 25.34 0.03
C THR A 168 4.27 26.64 -0.67
N TYR A 169 5.19 26.58 -1.62
CA TYR A 169 5.65 27.75 -2.35
C TYR A 169 5.53 27.51 -3.85
N PRO A 170 5.31 28.56 -4.63
CA PRO A 170 5.13 28.38 -6.08
C PRO A 170 6.37 27.80 -6.75
N SER A 171 6.15 26.91 -7.71
CA SER A 171 7.20 26.32 -8.50
C SER A 171 7.39 27.14 -9.78
N GLY A 172 8.16 26.60 -10.73
CA GLY A 172 8.39 27.31 -11.98
C GLY A 172 7.13 27.52 -12.79
N HIS A 173 6.28 26.49 -12.88
CA HIS A 173 5.02 26.57 -13.62
C HIS A 173 3.82 26.66 -12.70
N LEU A 174 4.00 27.15 -11.47
CA LEU A 174 2.94 27.19 -10.48
C LEU A 174 2.65 28.61 -10.02
N ASP A 175 2.47 29.52 -10.97
CA ASP A 175 2.23 30.93 -10.66
C ASP A 175 0.90 31.11 -9.93
N MET A 176 0.58 32.36 -9.60
CA MET A 176 -0.58 32.64 -8.76
C MET A 176 -1.88 32.16 -9.41
N VAL A 177 -2.03 32.39 -10.71
CA VAL A 177 -3.23 31.95 -11.41
C VAL A 177 -3.26 30.43 -11.54
N ASN A 178 -2.11 29.83 -11.89
CA ASN A 178 -2.05 28.38 -12.01
C ASN A 178 -2.20 27.70 -10.66
N GLY A 179 -1.60 28.27 -9.62
CA GLY A 179 -1.73 27.69 -8.29
C GLY A 179 -3.14 27.76 -7.74
N PHE A 180 -3.87 28.83 -8.07
CA PHE A 180 -5.24 28.97 -7.59
C PHE A 180 -6.14 27.86 -8.12
N PHE A 181 -5.95 27.47 -9.38
CA PHE A 181 -6.83 26.47 -9.99
C PHE A 181 -6.61 25.09 -9.37
N ASP A 182 -5.36 24.75 -9.03
CA ASP A 182 -5.07 23.44 -8.48
C ASP A 182 -5.74 23.27 -7.12
N GLN A 183 -5.75 24.31 -6.30
CA GLN A 183 -6.38 24.22 -4.99
C GLN A 183 -7.89 24.13 -5.09
N PHE A 184 -8.50 24.78 -6.10
CA PHE A 184 -9.93 24.72 -6.27
C PHE A 184 -10.38 23.32 -6.69
N ILE A 185 -9.70 22.73 -7.67
CA ILE A 185 -10.06 21.39 -8.12
C ILE A 185 -9.73 20.35 -7.06
N GLY A 186 -8.62 20.53 -6.35
CA GLY A 186 -8.23 19.58 -5.32
C GLY A 186 -9.22 19.52 -4.17
N THR A 187 -9.70 20.69 -3.74
CA THR A 187 -10.65 20.73 -2.63
C THR A 187 -12.05 20.29 -3.06
N ALA A 188 -12.44 20.59 -4.30
CA ALA A 188 -13.74 20.15 -4.79
C ALA A 188 -13.82 18.63 -4.85
N ALA A 189 -12.75 17.98 -5.30
CA ALA A 189 -12.73 16.52 -5.35
C ALA A 189 -12.71 15.91 -3.96
N LEU A 190 -12.04 16.58 -3.01
CA LEU A 190 -11.98 16.06 -1.64
C LEU A 190 -13.34 16.12 -0.96
N ILE A 191 -14.09 17.21 -1.18
CA ILE A 191 -15.39 17.35 -0.54
C ILE A 191 -16.39 16.34 -1.10
N VAL A 192 -16.32 16.07 -2.41
CA VAL A 192 -17.24 15.12 -3.02
C VAL A 192 -17.05 13.73 -2.43
N CYS A 193 -15.80 13.30 -2.28
CA CYS A 193 -15.53 11.99 -1.69
C CYS A 193 -15.94 11.94 -0.22
N VAL A 194 -15.69 13.01 0.52
CA VAL A 194 -16.07 13.05 1.94
C VAL A 194 -17.58 13.05 2.09
N LEU A 195 -18.29 13.80 1.25
CA LEU A 195 -19.75 13.88 1.36
C LEU A 195 -20.41 12.54 1.08
N ALA A 196 -19.82 11.73 0.20
CA ALA A 196 -20.41 10.44 -0.12
C ALA A 196 -20.38 9.49 1.08
N ILE A 197 -19.25 9.45 1.78
CA ILE A 197 -19.13 8.54 2.93
C ILE A 197 -20.00 9.02 4.09
N VAL A 198 -19.97 10.32 4.38
CA VAL A 198 -20.67 10.85 5.54
C VAL A 198 -22.18 10.85 5.36
N ASP A 199 -22.66 10.84 4.11
CA ASP A 199 -24.07 10.97 3.74
C ASP A 199 -24.99 10.14 4.63
N PRO A 200 -25.84 10.79 5.42
CA PRO A 200 -26.76 10.03 6.29
C PRO A 200 -27.71 9.12 5.54
N TYR A 201 -28.16 9.53 4.35
CA TYR A 201 -29.10 8.71 3.59
C TYR A 201 -28.47 7.45 3.03
N ASN A 202 -27.14 7.33 3.06
CA ASN A 202 -26.46 6.12 2.62
C ASN A 202 -26.33 5.13 3.77
N ASN A 203 -25.93 3.92 3.43
CA ASN A 203 -25.73 2.89 4.44
C ASN A 203 -24.60 3.29 5.38
N PRO A 204 -24.77 3.13 6.69
CA PRO A 204 -23.71 3.54 7.64
C PRO A 204 -22.43 2.75 7.46
N VAL A 205 -21.38 3.43 7.02
CA VAL A 205 -20.08 2.77 6.84
C VAL A 205 -19.53 2.36 8.20
N PRO A 206 -19.01 1.15 8.35
CA PRO A 206 -18.47 0.74 9.66
C PRO A 206 -17.32 1.62 10.09
N ARG A 207 -17.21 1.81 11.40
CA ARG A 207 -16.13 2.63 11.95
C ARG A 207 -14.78 2.00 11.65
N GLY A 208 -13.82 2.83 11.28
CA GLY A 208 -12.49 2.40 10.92
C GLY A 208 -12.26 2.27 9.42
N LEU A 209 -13.33 2.15 8.64
CA LEU A 209 -13.21 2.14 7.19
C LEU A 209 -13.42 3.52 6.58
N GLU A 210 -14.26 4.34 7.21
CA GLU A 210 -14.42 5.72 6.75
C GLU A 210 -13.11 6.49 6.88
N ALA A 211 -12.33 6.20 7.92
CA ALA A 211 -11.03 6.84 8.08
C ALA A 211 -10.08 6.45 6.95
N PHE A 212 -10.13 5.19 6.52
CA PHE A 212 -9.25 4.73 5.46
C PHE A 212 -9.58 5.38 4.13
N THR A 213 -10.87 5.56 3.82
CA THR A 213 -11.26 6.16 2.56
C THR A 213 -10.82 7.61 2.45
N VAL A 214 -10.95 8.37 3.55
CA VAL A 214 -10.55 9.77 3.53
C VAL A 214 -9.03 9.89 3.34
N GLY A 215 -8.28 8.96 3.94
CA GLY A 215 -6.84 8.95 3.72
C GLY A 215 -6.46 8.57 2.30
N LEU A 216 -7.33 7.83 1.61
CA LEU A 216 -7.08 7.50 0.20
C LEU A 216 -7.15 8.74 -0.67
N VAL A 217 -8.13 9.62 -0.42
CA VAL A 217 -8.27 10.83 -1.24
C VAL A 217 -7.04 11.72 -1.12
N VAL A 218 -6.50 11.84 0.09
CA VAL A 218 -5.30 12.67 0.29
C VAL A 218 -4.13 12.11 -0.51
N LEU A 219 -3.97 10.79 -0.50
CA LEU A 219 -2.87 10.17 -1.24
C LEU A 219 -3.00 10.37 -2.74
N VAL A 220 -4.21 10.20 -3.28
CA VAL A 220 -4.40 10.33 -4.72
C VAL A 220 -4.27 11.78 -5.16
N ILE A 221 -4.82 12.71 -4.38
CA ILE A 221 -4.79 14.12 -4.76
C ILE A 221 -3.37 14.64 -4.84
N GLY A 222 -2.54 14.27 -3.86
CA GLY A 222 -1.15 14.72 -3.89
C GLY A 222 -0.38 14.20 -5.08
N THR A 223 -0.62 12.94 -5.45
CA THR A 223 0.07 12.36 -6.61
C THR A 223 -0.41 12.99 -7.90
N SER A 224 -1.70 13.27 -8.02
CA SER A 224 -2.26 13.77 -9.28
C SER A 224 -1.94 15.24 -9.50
N MET A 225 -2.39 16.10 -8.59
CA MET A 225 -2.20 17.54 -8.76
C MET A 225 -0.74 17.92 -8.56
N GLY A 226 -0.39 19.09 -9.07
CA GLY A 226 0.99 19.56 -9.03
C GLY A 226 1.40 20.18 -7.71
N PHE A 227 1.57 19.35 -6.68
CA PHE A 227 2.02 19.82 -5.37
C PHE A 227 2.78 18.69 -4.71
N ASN A 228 4.09 18.89 -4.50
CA ASN A 228 4.96 17.87 -3.93
C ASN A 228 5.23 18.10 -2.44
N SER A 229 4.25 18.63 -1.71
CA SER A 229 4.40 18.87 -0.28
C SER A 229 3.49 18.01 0.57
N GLY A 230 2.39 17.50 0.02
CA GLY A 230 1.50 16.64 0.77
C GLY A 230 0.34 17.36 1.43
N TYR A 231 -0.88 16.89 1.15
CA TYR A 231 -2.10 17.46 1.72
C TYR A 231 -2.17 18.97 1.53
N ALA A 232 -1.84 19.42 0.32
CA ALA A 232 -1.80 20.84 0.01
C ALA A 232 -3.15 21.49 -0.06
N VAL A 233 -4.26 20.80 0.24
CA VAL A 233 -5.58 21.39 0.18
C VAL A 233 -6.16 21.63 1.58
N ASN A 234 -5.30 21.77 2.58
CA ASN A 234 -5.73 21.99 3.96
C ASN A 234 -5.35 23.40 4.39
N PRO A 235 -6.32 24.29 4.62
CA PRO A 235 -5.96 25.65 5.09
C PRO A 235 -5.24 25.65 6.42
N ALA A 236 -5.57 24.73 7.33
CA ALA A 236 -4.92 24.69 8.63
C ALA A 236 -3.51 24.13 8.56
N ARG A 237 -3.30 23.13 7.71
CA ARG A 237 -1.96 22.57 7.51
C ARG A 237 -1.04 23.53 6.78
N ASP A 238 -1.58 24.54 6.12
CA ASP A 238 -0.77 25.50 5.39
C ASP A 238 -0.41 26.72 6.23
N PHE A 239 -1.39 27.32 6.91
CA PHE A 239 -1.12 28.54 7.67
C PHE A 239 -0.34 28.25 8.95
N GLY A 240 -0.69 27.17 9.64
CA GLY A 240 -0.06 26.83 10.90
C GLY A 240 1.45 26.73 10.81
N PRO A 241 1.94 25.73 10.05
CA PRO A 241 3.39 25.61 9.87
C PRO A 241 4.03 26.82 9.21
N ARG A 242 3.29 27.59 8.41
CA ARG A 242 3.86 28.80 7.83
C ARG A 242 4.01 29.89 8.90
N LEU A 243 3.05 30.00 9.81
CA LEU A 243 3.15 31.00 10.87
C LEU A 243 4.31 30.69 11.80
N PHE A 244 4.53 29.41 12.12
CA PHE A 244 5.67 29.04 12.95
C PHE A 244 6.99 29.37 12.25
N THR A 245 7.06 29.15 10.93
CA THR A 245 8.27 29.44 10.18
C THR A 245 8.65 30.91 10.29
N ALA A 246 7.67 31.79 10.45
CA ALA A 246 7.97 33.22 10.61
C ALA A 246 8.75 33.49 11.88
N LEU A 247 8.40 32.80 12.96
CA LEU A 247 9.04 33.01 14.26
C LEU A 247 10.27 32.14 14.46
N ALA A 248 10.37 31.00 13.77
CA ALA A 248 11.47 30.07 13.99
C ALA A 248 12.82 30.65 13.58
N GLY A 249 12.84 31.65 12.72
CA GLY A 249 14.09 32.26 12.31
C GLY A 249 14.16 32.58 10.83
N TRP A 250 13.24 32.01 10.05
CA TRP A 250 13.22 32.28 8.61
C TRP A 250 12.89 33.73 8.33
N GLY A 251 11.97 34.32 9.10
CA GLY A 251 11.63 35.72 8.98
C GLY A 251 10.26 35.92 8.36
N SER A 252 9.97 37.18 8.05
CA SER A 252 8.71 37.57 7.44
C SER A 252 8.72 37.42 5.92
N GLU A 253 9.84 36.99 5.34
CA GLU A 253 9.87 36.74 3.90
C GLU A 253 9.00 35.56 3.50
N VAL A 254 8.59 34.73 4.47
CA VAL A 254 7.68 33.63 4.16
C VAL A 254 6.29 34.13 3.83
N PHE A 255 5.98 35.39 4.15
CA PHE A 255 4.67 35.97 3.87
C PHE A 255 4.67 36.86 2.63
N THR A 256 5.82 37.40 2.23
CA THR A 256 5.91 38.31 1.09
C THR A 256 6.67 37.71 -0.09
N THR A 257 6.77 36.39 -0.15
CA THR A 257 7.42 35.72 -1.27
C THR A 257 6.38 35.10 -2.19
N GLY A 258 6.78 34.89 -3.44
CA GLY A 258 5.87 34.35 -4.44
C GLY A 258 4.72 35.27 -4.75
N GLN A 259 4.96 36.59 -4.75
CA GLN A 259 3.93 37.60 -5.00
C GLN A 259 2.78 37.46 -4.00
N ASN A 260 3.13 37.40 -2.71
CA ASN A 260 2.17 37.27 -1.62
C ASN A 260 1.30 36.03 -1.80
N TRP A 261 1.98 34.88 -1.92
CA TRP A 261 1.32 33.60 -2.15
C TRP A 261 0.60 33.07 -0.92
N TRP A 262 0.83 33.66 0.26
CA TRP A 262 0.39 33.04 1.51
C TRP A 262 -1.11 32.89 1.60
N TRP A 263 -1.88 33.83 1.03
CA TRP A 263 -3.33 33.80 1.20
C TRP A 263 -4.03 32.85 0.24
N VAL A 264 -3.36 32.41 -0.82
CA VAL A 264 -4.00 31.51 -1.79
C VAL A 264 -4.38 30.17 -1.18
N PRO A 265 -3.50 29.48 -0.40
CA PRO A 265 -3.88 28.17 0.13
C PRO A 265 -4.94 28.24 1.24
N ILE A 266 -5.50 29.42 1.48
CA ILE A 266 -6.53 29.60 2.47
C ILE A 266 -7.88 29.90 1.83
N VAL A 267 -7.91 30.77 0.82
CA VAL A 267 -9.16 31.20 0.21
C VAL A 267 -9.65 30.21 -0.85
N SER A 268 -8.74 29.72 -1.70
CA SER A 268 -9.15 28.82 -2.77
C SER A 268 -9.76 27.52 -2.27
N PRO A 269 -9.23 26.83 -1.24
CA PRO A 269 -9.94 25.67 -0.72
C PRO A 269 -11.32 25.99 -0.18
N LEU A 270 -11.52 27.18 0.37
CA LEU A 270 -12.85 27.58 0.82
C LEU A 270 -13.83 27.68 -0.34
N LEU A 271 -13.38 28.23 -1.47
CA LEU A 271 -14.23 28.29 -2.65
C LEU A 271 -14.45 26.92 -3.26
N GLY A 272 -13.41 26.07 -3.23
CA GLY A 272 -13.55 24.72 -3.76
C GLY A 272 -14.53 23.87 -2.99
N SER A 273 -14.62 24.07 -1.68
CA SER A 273 -15.58 23.32 -0.88
C SER A 273 -17.01 23.66 -1.25
N ILE A 274 -17.28 24.93 -1.56
CA ILE A 274 -18.61 25.31 -2.05
C ILE A 274 -18.88 24.66 -3.40
N GLY A 275 -17.88 24.65 -4.28
CA GLY A 275 -18.05 23.99 -5.57
C GLY A 275 -18.22 22.49 -5.44
N GLY A 276 -17.47 21.87 -4.51
CA GLY A 276 -17.63 20.45 -4.28
C GLY A 276 -18.98 20.08 -3.73
N VAL A 277 -19.57 20.95 -2.91
CA VAL A 277 -20.90 20.69 -2.37
C VAL A 277 -21.94 20.70 -3.48
N PHE A 278 -21.88 21.68 -4.37
CA PHE A 278 -22.86 21.78 -5.44
C PHE A 278 -22.72 20.64 -6.45
N VAL A 279 -21.49 20.20 -6.71
CA VAL A 279 -21.27 19.11 -7.66
C VAL A 279 -21.90 17.82 -7.13
N TYR A 280 -21.68 17.51 -5.85
CA TYR A 280 -22.22 16.28 -5.28
C TYR A 280 -23.73 16.36 -5.12
N GLN A 281 -24.24 17.50 -4.64
CA GLN A 281 -25.67 17.62 -4.39
C GLN A 281 -26.48 17.51 -5.67
N LEU A 282 -26.00 18.14 -6.76
CA LEU A 282 -26.75 18.14 -8.01
C LEU A 282 -26.79 16.75 -8.63
N MET A 283 -25.68 16.02 -8.59
CA MET A 283 -25.57 14.75 -9.31
C MET A 283 -26.07 13.56 -8.51
N ILE A 284 -25.87 13.56 -7.18
CA ILE A 284 -26.17 12.40 -6.35
C ILE A 284 -27.09 12.77 -5.19
N GLY A 285 -26.74 13.81 -4.44
CA GLY A 285 -27.42 14.06 -3.17
C GLY A 285 -28.90 14.40 -3.32
N CYS A 286 -29.22 15.28 -4.27
CA CYS A 286 -30.59 15.77 -4.36
C CYS A 286 -31.56 14.70 -4.82
N HIS A 287 -31.09 13.69 -5.55
CA HIS A 287 -31.95 12.65 -6.09
C HIS A 287 -32.10 11.46 -5.15
N LEU A 288 -31.43 11.45 -4.01
CA LEU A 288 -31.54 10.35 -3.07
C LEU A 288 -32.76 10.52 -2.18
N GLU A 289 -33.58 9.47 -2.10
CA GLU A 289 -34.79 9.51 -1.28
C GLU A 289 -34.83 8.32 -0.32
N ARG B 39 -2.16 -19.86 33.30
CA ARG B 39 -2.77 -18.90 32.39
C ARG B 39 -1.75 -17.87 31.93
N LEU B 40 -0.94 -17.38 32.86
CA LEU B 40 0.11 -16.43 32.51
C LEU B 40 1.19 -17.07 31.65
N LEU B 41 1.34 -18.39 31.73
CA LEU B 41 2.31 -19.08 30.88
C LEU B 41 1.83 -19.18 29.45
N ARG B 42 0.50 -19.29 29.25
CA ARG B 42 -0.03 -19.33 27.89
C ARG B 42 0.11 -17.98 27.20
N GLN B 43 -0.17 -16.89 27.93
CA GLN B 43 -0.05 -15.57 27.35
C GLN B 43 1.39 -15.18 27.09
N ALA B 44 2.32 -15.65 27.94
CA ALA B 44 3.73 -15.35 27.72
C ALA B 44 4.29 -16.10 26.52
N LEU B 45 3.73 -17.27 26.21
CA LEU B 45 4.19 -18.02 25.04
C LEU B 45 3.79 -17.32 23.74
N ALA B 46 2.62 -16.70 23.72
CA ALA B 46 2.17 -15.99 22.53
C ALA B 46 2.92 -14.69 22.31
N GLU B 47 3.48 -14.09 23.37
CA GLU B 47 4.28 -12.89 23.20
C GLU B 47 5.64 -13.20 22.60
N CYS B 48 6.21 -14.36 22.92
CA CYS B 48 7.50 -14.74 22.35
C CYS B 48 7.36 -15.07 20.87
N LEU B 49 6.30 -15.78 20.48
CA LEU B 49 6.09 -16.10 19.08
C LEU B 49 5.73 -14.87 18.26
N GLY B 50 4.95 -13.96 18.85
CA GLY B 50 4.60 -12.74 18.14
C GLY B 50 5.79 -11.84 17.88
N THR B 51 6.65 -11.67 18.88
CA THR B 51 7.86 -10.87 18.69
C THR B 51 8.89 -11.56 17.81
N LEU B 52 8.86 -12.89 17.76
CA LEU B 52 9.74 -13.60 16.84
C LEU B 52 9.38 -13.35 15.38
N ILE B 53 8.09 -13.20 15.09
CA ILE B 53 7.65 -13.01 13.71
C ILE B 53 8.10 -11.66 13.18
N LEU B 54 7.88 -10.60 13.97
CA LEU B 54 8.18 -9.26 13.47
C LEU B 54 9.68 -9.00 13.40
N VAL B 55 10.46 -9.55 14.33
CA VAL B 55 11.90 -9.36 14.28
C VAL B 55 12.51 -10.13 13.12
N MET B 56 12.09 -11.39 12.93
CA MET B 56 12.63 -12.19 11.83
C MET B 56 12.25 -11.60 10.48
N PHE B 57 11.00 -11.18 10.33
CA PHE B 57 10.56 -10.58 9.07
C PHE B 57 11.16 -9.19 8.87
N GLY B 58 11.18 -8.37 9.94
CA GLY B 58 11.67 -7.02 9.80
C GLY B 58 13.17 -6.94 9.59
N CYS B 59 13.94 -7.71 10.35
CA CYS B 59 15.39 -7.64 10.25
C CYS B 59 15.92 -8.31 8.99
N GLY B 60 15.14 -9.22 8.39
CA GLY B 60 15.56 -9.81 7.13
C GLY B 60 15.57 -8.79 6.00
N SER B 61 14.60 -7.88 6.00
CA SER B 61 14.55 -6.85 4.97
C SER B 61 15.72 -5.87 5.11
N VAL B 62 16.09 -5.54 6.34
CA VAL B 62 17.23 -4.65 6.56
C VAL B 62 18.52 -5.29 6.06
N ALA B 63 18.65 -6.60 6.24
CA ALA B 63 19.84 -7.30 5.76
C ALA B 63 19.94 -7.24 4.24
N GLN B 64 18.80 -7.34 3.55
CA GLN B 64 18.80 -7.29 2.09
C GLN B 64 19.30 -5.94 1.59
N VAL B 65 18.86 -4.85 2.22
CA VAL B 65 19.26 -3.51 1.78
C VAL B 65 20.73 -3.26 2.10
N VAL B 66 21.17 -3.62 3.30
CA VAL B 66 22.54 -3.33 3.72
C VAL B 66 23.53 -4.17 2.92
N LEU B 67 23.28 -5.47 2.80
CA LEU B 67 24.23 -6.35 2.13
C LEU B 67 24.29 -6.06 0.64
N SER B 68 23.15 -5.80 0.01
CA SER B 68 23.10 -5.41 -1.40
C SER B 68 22.92 -3.90 -1.42
N ARG B 69 24.05 -3.19 -1.48
CA ARG B 69 24.05 -1.74 -1.30
C ARG B 69 23.31 -1.02 -2.41
N GLY B 70 22.13 -0.50 -2.09
CA GLY B 70 21.35 0.26 -3.05
C GLY B 70 20.94 -0.50 -4.29
N THR B 71 20.61 -1.77 -4.15
CA THR B 71 20.22 -2.58 -5.29
C THR B 71 18.88 -3.29 -5.09
N HIS B 72 18.60 -3.78 -3.89
CA HIS B 72 17.36 -4.49 -3.62
C HIS B 72 16.26 -3.59 -3.08
N GLY B 73 16.52 -2.29 -2.92
CA GLY B 73 15.53 -1.37 -2.44
C GLY B 73 16.17 -0.28 -1.60
N GLY B 74 15.31 0.54 -1.00
CA GLY B 74 15.72 1.63 -0.15
C GLY B 74 15.09 1.53 1.22
N PHE B 75 14.88 2.70 1.83
CA PHE B 75 14.29 2.75 3.16
C PHE B 75 12.78 2.55 3.16
N LEU B 76 12.13 2.71 2.01
CA LEU B 76 10.68 2.50 1.96
C LEU B 76 10.34 1.03 2.18
N THR B 77 11.13 0.12 1.63
CA THR B 77 10.87 -1.31 1.83
C THR B 77 11.15 -1.75 3.26
N ILE B 78 12.14 -1.13 3.91
CA ILE B 78 12.45 -1.47 5.29
C ILE B 78 11.29 -1.11 6.20
N ASN B 79 10.72 0.08 6.02
CA ASN B 79 9.61 0.51 6.87
C ASN B 79 8.34 -0.24 6.53
N LEU B 80 8.11 -0.53 5.24
CA LEU B 80 6.90 -1.25 4.85
C LEU B 80 6.91 -2.68 5.38
N ALA B 81 8.06 -3.35 5.31
CA ALA B 81 8.14 -4.72 5.82
C ALA B 81 7.97 -4.76 7.33
N PHE B 82 8.57 -3.82 8.05
CA PHE B 82 8.38 -3.77 9.50
C PHE B 82 6.96 -3.41 9.86
N GLY B 83 6.33 -2.52 9.11
CA GLY B 83 4.95 -2.17 9.37
C GLY B 83 4.00 -3.33 9.12
N PHE B 84 4.25 -4.10 8.07
CA PHE B 84 3.41 -5.25 7.76
C PHE B 84 3.67 -6.43 8.67
N ALA B 85 4.92 -6.61 9.12
CA ALA B 85 5.24 -7.70 10.03
C ALA B 85 4.58 -7.51 11.38
N VAL B 86 4.38 -6.26 11.80
CA VAL B 86 3.68 -6.00 13.05
C VAL B 86 2.21 -6.40 12.94
N THR B 87 1.61 -6.17 11.78
CA THR B 87 0.21 -6.56 11.57
C THR B 87 0.04 -8.06 11.67
N LEU B 88 0.95 -8.83 11.06
CA LEU B 88 0.85 -10.29 11.11
C LEU B 88 1.06 -10.80 12.53
N ALA B 89 1.99 -10.21 13.27
CA ALA B 89 2.27 -10.66 14.63
C ALA B 89 1.07 -10.41 15.54
N ILE B 90 0.39 -9.28 15.37
CA ILE B 90 -0.78 -8.97 16.20
C ILE B 90 -1.91 -9.95 15.93
N LEU B 91 -2.15 -10.28 14.66
CA LEU B 91 -3.22 -11.20 14.32
C LEU B 91 -2.95 -12.61 14.85
N VAL B 92 -1.69 -13.02 14.89
CA VAL B 92 -1.35 -14.37 15.34
C VAL B 92 -1.63 -14.52 16.83
N ALA B 93 -1.18 -13.55 17.64
CA ALA B 93 -1.22 -13.66 19.09
C ALA B 93 -2.23 -12.71 19.74
N GLY B 94 -3.07 -12.05 18.96
CA GLY B 94 -3.99 -11.08 19.52
C GLY B 94 -5.05 -11.71 20.42
N GLN B 95 -5.59 -12.85 20.00
CA GLN B 95 -6.70 -13.47 20.71
C GLN B 95 -6.28 -14.19 21.98
N VAL B 96 -4.98 -14.34 22.24
CA VAL B 96 -4.48 -15.08 23.38
C VAL B 96 -3.96 -14.14 24.47
N SER B 97 -3.03 -13.24 24.13
CA SER B 97 -2.36 -12.40 25.10
C SER B 97 -2.69 -10.92 24.98
N GLY B 98 -3.32 -10.49 23.89
CA GLY B 98 -3.59 -9.10 23.63
C GLY B 98 -2.66 -8.46 22.62
N ALA B 99 -1.54 -9.11 22.30
CA ALA B 99 -0.61 -8.66 21.26
C ALA B 99 -0.08 -7.25 21.55
N HIS B 100 0.64 -7.15 22.66
CA HIS B 100 1.35 -5.91 22.97
C HIS B 100 2.62 -5.80 22.13
N LEU B 101 3.49 -6.81 22.22
CA LEU B 101 4.74 -6.90 21.47
C LEU B 101 5.69 -5.73 21.75
N ASN B 102 5.39 -4.91 22.75
CA ASN B 102 6.20 -3.74 23.06
C ASN B 102 6.21 -3.51 24.56
N PRO B 103 7.39 -3.50 25.20
CA PRO B 103 7.43 -3.19 26.64
C PRO B 103 6.89 -1.82 26.97
N ALA B 104 6.99 -0.87 26.05
CA ALA B 104 6.39 0.45 26.27
C ALA B 104 4.87 0.38 26.24
N VAL B 105 4.32 -0.46 25.36
CA VAL B 105 2.87 -0.63 25.31
C VAL B 105 2.38 -1.38 26.54
N THR B 106 3.12 -2.41 26.97
CA THR B 106 2.74 -3.15 28.16
C THR B 106 2.80 -2.26 29.40
N PHE B 107 3.80 -1.37 29.46
CA PHE B 107 3.90 -0.45 30.59
C PHE B 107 2.72 0.51 30.64
N ALA B 108 2.30 1.03 29.50
CA ALA B 108 1.18 1.95 29.46
C ALA B 108 -0.11 1.27 29.88
N MET B 109 -0.33 0.02 29.47
CA MET B 109 -1.53 -0.70 29.86
C MET B 109 -1.58 -0.91 31.36
N CYS B 110 -0.44 -1.26 31.97
CA CYS B 110 -0.39 -1.44 33.41
C CYS B 110 -0.59 -0.13 34.16
N PHE B 111 -0.14 0.99 33.58
CA PHE B 111 -0.27 2.28 34.25
C PHE B 111 -1.74 2.66 34.44
N LEU B 112 -2.57 2.44 33.43
CA LEU B 112 -3.99 2.74 33.51
C LEU B 112 -4.78 1.66 34.21
N ALA B 113 -4.12 0.73 34.91
CA ALA B 113 -4.76 -0.38 35.61
C ALA B 113 -5.58 -1.26 34.67
N ARG B 114 -5.26 -1.24 33.38
CA ARG B 114 -5.96 -2.12 32.43
C ARG B 114 -5.53 -3.57 32.61
N GLU B 115 -4.28 -3.81 33.00
CA GLU B 115 -3.74 -5.13 33.21
C GLU B 115 -3.01 -5.18 34.54
N PRO B 116 -2.92 -6.34 35.17
CA PRO B 116 -2.17 -6.46 36.43
C PRO B 116 -0.71 -6.10 36.24
N TRP B 117 -0.12 -5.54 37.29
CA TRP B 117 1.27 -5.09 37.22
C TRP B 117 2.26 -6.25 37.14
N ILE B 118 1.82 -7.48 37.41
CA ILE B 118 2.71 -8.63 37.30
C ILE B 118 3.03 -8.96 35.84
N LYS B 119 2.23 -8.47 34.89
CA LYS B 119 2.46 -8.77 33.49
C LYS B 119 3.64 -8.01 32.91
N LEU B 120 4.01 -6.86 33.50
CA LEU B 120 5.12 -6.09 32.96
C LEU B 120 6.44 -6.84 32.98
N PRO B 121 6.86 -7.50 34.07
CA PRO B 121 8.07 -8.31 33.98
C PRO B 121 7.90 -9.58 33.16
N ILE B 122 6.71 -10.18 33.16
CA ILE B 122 6.50 -11.42 32.42
C ILE B 122 6.54 -11.16 30.92
N TYR B 123 5.85 -10.11 30.46
CA TYR B 123 5.80 -9.85 29.02
C TYR B 123 7.13 -9.31 28.50
N THR B 124 7.84 -8.51 29.29
CA THR B 124 9.12 -7.99 28.86
C THR B 124 10.12 -9.11 28.62
N LEU B 125 10.14 -10.11 29.51
CA LEU B 125 10.99 -11.28 29.29
C LEU B 125 10.55 -12.06 28.07
N ALA B 126 9.23 -12.18 27.87
CA ALA B 126 8.72 -12.92 26.72
C ALA B 126 8.99 -12.17 25.42
N GLN B 127 8.95 -10.83 25.45
CA GLN B 127 9.21 -10.07 24.25
C GLN B 127 10.70 -10.01 23.92
N THR B 128 11.55 -9.88 24.94
CA THR B 128 12.98 -9.86 24.71
C THR B 128 13.49 -11.23 24.26
N LEU B 129 13.00 -12.29 24.87
CA LEU B 129 13.32 -13.65 24.44
C LEU B 129 12.37 -14.03 23.32
N GLY B 130 12.85 -13.94 22.08
CA GLY B 130 12.02 -14.08 20.90
C GLY B 130 12.42 -13.05 19.89
N ALA B 131 12.81 -11.86 20.38
CA ALA B 131 13.60 -10.94 19.56
C ALA B 131 15.05 -11.40 19.51
N PHE B 132 15.53 -12.02 20.58
CA PHE B 132 16.84 -12.67 20.55
C PHE B 132 16.84 -13.85 19.58
N LEU B 133 15.79 -14.66 19.59
CA LEU B 133 15.71 -15.81 18.71
C LEU B 133 15.41 -15.40 17.27
N GLY B 134 14.57 -14.37 17.09
CA GLY B 134 14.28 -13.89 15.75
C GLY B 134 15.50 -13.38 15.01
N ALA B 135 16.42 -12.74 15.74
CA ALA B 135 17.67 -12.30 15.13
C ALA B 135 18.63 -13.44 14.87
N GLY B 136 18.42 -14.59 15.51
CA GLY B 136 19.27 -15.75 15.25
C GLY B 136 18.93 -16.44 13.95
N ILE B 137 17.68 -16.42 13.54
CA ILE B 137 17.29 -16.98 12.25
C ILE B 137 17.82 -16.11 11.12
N VAL B 138 17.77 -14.78 11.29
CA VAL B 138 18.27 -13.87 10.28
C VAL B 138 19.76 -14.08 10.04
N PHE B 139 20.52 -14.26 11.13
CA PHE B 139 21.94 -14.56 10.99
C PHE B 139 22.16 -15.88 10.26
N GLY B 140 21.33 -16.88 10.56
CA GLY B 140 21.46 -18.15 9.86
C GLY B 140 21.17 -18.04 8.37
N LEU B 141 20.16 -17.25 8.00
CA LEU B 141 19.83 -17.08 6.59
C LEU B 141 20.96 -16.39 5.83
N TYR B 142 21.56 -15.35 6.43
CA TYR B 142 22.55 -14.52 5.75
C TYR B 142 23.95 -14.70 6.33
N TYR B 143 24.27 -15.90 6.84
CA TYR B 143 25.56 -16.10 7.48
C TYR B 143 26.70 -15.91 6.48
N ASP B 144 26.55 -16.46 5.27
CA ASP B 144 27.64 -16.39 4.29
C ASP B 144 27.80 -14.98 3.74
N ALA B 145 26.69 -14.27 3.53
CA ALA B 145 26.77 -12.91 2.99
C ALA B 145 27.27 -11.92 4.04
N ILE B 146 26.88 -12.12 5.30
CA ILE B 146 27.31 -11.21 6.36
C ILE B 146 28.82 -11.27 6.56
N TRP B 147 29.37 -12.48 6.59
CA TRP B 147 30.81 -12.64 6.79
C TRP B 147 31.61 -12.10 5.62
N ALA B 148 31.08 -12.21 4.40
CA ALA B 148 31.79 -11.76 3.21
C ALA B 148 31.60 -10.28 2.91
N PHE B 149 30.81 -9.57 3.74
CA PHE B 149 30.61 -8.14 3.51
C PHE B 149 31.91 -7.37 3.67
N ALA B 150 32.72 -7.72 4.66
CA ALA B 150 33.99 -7.05 4.92
C ALA B 150 35.16 -8.03 4.84
N GLY B 151 35.04 -9.06 4.00
CA GLY B 151 36.09 -10.05 3.88
C GLY B 151 35.78 -11.32 4.63
N ASN B 152 36.43 -11.51 5.79
CA ASN B 152 36.17 -12.67 6.64
C ASN B 152 36.14 -12.29 8.10
N GLU B 153 35.70 -11.06 8.42
CA GLU B 153 35.62 -10.60 9.79
C GLU B 153 34.36 -9.76 9.96
N LEU B 154 33.93 -9.62 11.21
CA LEU B 154 32.73 -8.87 11.54
C LEU B 154 33.13 -7.50 12.09
N VAL B 155 32.56 -6.45 11.51
CA VAL B 155 32.86 -5.07 11.89
C VAL B 155 31.57 -4.43 12.41
N VAL B 156 31.67 -3.79 13.58
CA VAL B 156 30.48 -3.25 14.23
C VAL B 156 29.90 -2.08 13.43
N SER B 157 30.75 -1.14 13.02
CA SER B 157 30.28 0.07 12.37
C SER B 157 31.31 0.54 11.35
N GLY B 158 30.86 1.42 10.46
CA GLY B 158 31.69 1.92 9.39
C GLY B 158 31.02 1.73 8.04
N PRO B 159 31.82 1.73 6.98
CA PRO B 159 31.25 1.46 5.65
C PRO B 159 30.76 0.02 5.54
N ASN B 160 31.62 -0.93 5.88
CA ASN B 160 31.25 -2.35 5.89
C ASN B 160 30.87 -2.80 7.30
N GLY B 161 29.78 -2.24 7.80
CA GLY B 161 29.30 -2.58 9.12
C GLY B 161 28.02 -3.39 9.10
N THR B 162 28.10 -4.65 9.52
CA THR B 162 26.97 -5.56 9.51
C THR B 162 26.22 -5.61 10.84
N ALA B 163 26.72 -4.95 11.87
CA ALA B 163 26.06 -4.98 13.17
C ALA B 163 24.83 -4.09 13.23
N GLY B 164 24.69 -3.14 12.29
CA GLY B 164 23.55 -2.25 12.28
C GLY B 164 22.27 -2.85 11.74
N ILE B 165 22.34 -4.07 11.19
CA ILE B 165 21.14 -4.74 10.72
C ILE B 165 20.21 -5.07 11.88
N PHE B 166 20.77 -5.56 12.98
CA PHE B 166 19.99 -6.04 14.11
C PHE B 166 19.66 -4.94 15.11
N ALA B 167 20.57 -4.01 15.35
CA ALA B 167 20.38 -2.97 16.35
C ALA B 167 20.73 -1.61 15.76
N THR B 168 20.16 -0.57 16.36
CA THR B 168 20.37 0.80 15.92
C THR B 168 21.63 1.38 16.55
N TYR B 169 22.32 2.22 15.78
CA TYR B 169 23.56 2.85 16.22
C TYR B 169 23.54 4.32 15.81
N PRO B 170 24.27 5.17 16.53
CA PRO B 170 24.24 6.61 16.22
C PRO B 170 24.76 6.90 14.81
N SER B 171 24.11 7.86 14.16
CA SER B 171 24.52 8.36 12.86
C SER B 171 25.33 9.64 13.05
N GLY B 172 25.61 10.33 11.94
CA GLY B 172 26.37 11.57 12.03
C GLY B 172 25.61 12.65 12.77
N HIS B 173 24.32 12.82 12.47
CA HIS B 173 23.49 13.82 13.12
C HIS B 173 22.56 13.23 14.17
N LEU B 174 22.80 11.98 14.58
CA LEU B 174 21.89 11.29 15.49
C LEU B 174 22.59 10.88 16.77
N ASP B 175 23.31 11.82 17.39
CA ASP B 175 24.07 11.53 18.60
C ASP B 175 23.13 11.26 19.77
N MET B 176 23.72 11.06 20.95
CA MET B 176 22.94 10.65 22.12
C MET B 176 21.89 11.69 22.49
N VAL B 177 22.26 12.96 22.50
CA VAL B 177 21.31 14.01 22.87
C VAL B 177 20.22 14.14 21.81
N ASN B 178 20.61 14.12 20.53
CA ASN B 178 19.62 14.21 19.46
C ASN B 178 18.72 12.98 19.42
N GLY B 179 19.30 11.79 19.60
CA GLY B 179 18.53 10.57 19.50
C GLY B 179 17.60 10.32 20.66
N PHE B 180 17.86 10.95 21.81
CA PHE B 180 17.00 10.76 22.98
C PHE B 180 15.60 11.28 22.72
N PHE B 181 15.48 12.46 22.11
CA PHE B 181 14.17 13.08 21.90
C PHE B 181 13.39 12.43 20.76
N ASP B 182 14.08 11.83 19.79
CA ASP B 182 13.38 11.13 18.72
C ASP B 182 12.63 9.92 19.26
N GLN B 183 13.23 9.18 20.19
CA GLN B 183 12.57 8.02 20.76
C GLN B 183 11.47 8.41 21.73
N PHE B 184 11.62 9.54 22.43
CA PHE B 184 10.59 9.99 23.35
C PHE B 184 9.34 10.44 22.60
N ILE B 185 9.51 11.26 21.57
CA ILE B 185 8.37 11.74 20.79
C ILE B 185 7.76 10.60 19.98
N GLY B 186 8.61 9.75 19.41
CA GLY B 186 8.09 8.65 18.60
C GLY B 186 7.29 7.65 19.40
N THR B 187 7.73 7.33 20.62
CA THR B 187 7.01 6.36 21.44
C THR B 187 5.70 6.95 21.96
N ALA B 188 5.69 8.24 22.30
CA ALA B 188 4.47 8.88 22.75
C ALA B 188 3.41 8.88 21.67
N ALA B 189 3.81 9.12 20.42
CA ALA B 189 2.87 9.09 19.31
C ALA B 189 2.29 7.69 19.12
N LEU B 190 3.13 6.67 19.29
CA LEU B 190 2.65 5.29 19.17
C LEU B 190 1.63 4.96 20.27
N ILE B 191 1.88 5.43 21.49
CA ILE B 191 0.99 5.10 22.60
C ILE B 191 -0.35 5.80 22.45
N VAL B 192 -0.33 7.06 21.99
CA VAL B 192 -1.58 7.81 21.82
C VAL B 192 -2.46 7.14 20.79
N CYS B 193 -1.88 6.73 19.66
CA CYS B 193 -2.65 6.07 18.62
C CYS B 193 -3.17 4.71 19.09
N VAL B 194 -2.34 3.96 19.82
CA VAL B 194 -2.75 2.64 20.29
C VAL B 194 -3.90 2.76 21.29
N LEU B 195 -3.84 3.73 22.20
CA LEU B 195 -4.84 3.84 23.25
C LEU B 195 -6.23 4.14 22.70
N ALA B 196 -6.30 4.93 21.62
CA ALA B 196 -7.60 5.21 21.00
C ALA B 196 -8.20 3.95 20.40
N ILE B 197 -7.36 3.04 19.91
CA ILE B 197 -7.85 1.81 19.29
C ILE B 197 -8.48 0.89 20.32
N VAL B 198 -7.79 0.64 21.43
CA VAL B 198 -8.21 -0.39 22.37
C VAL B 198 -9.05 0.22 23.48
N ASP B 199 -9.45 1.47 23.31
CA ASP B 199 -10.28 2.13 24.31
C ASP B 199 -11.65 1.47 24.37
N PRO B 200 -12.11 1.06 25.56
CA PRO B 200 -13.44 0.43 25.64
C PRO B 200 -14.60 1.42 25.56
N TYR B 201 -14.36 2.70 25.85
CA TYR B 201 -15.42 3.70 25.75
C TYR B 201 -15.87 3.88 24.31
N ASN B 202 -14.92 3.85 23.36
CA ASN B 202 -15.26 4.02 21.97
C ASN B 202 -15.97 2.78 21.43
N ASN B 203 -16.42 2.87 20.18
CA ASN B 203 -17.06 1.74 19.53
C ASN B 203 -16.05 0.63 19.32
N PRO B 204 -16.40 -0.63 19.63
CA PRO B 204 -15.46 -1.73 19.41
C PRO B 204 -15.05 -1.86 17.95
N VAL B 205 -13.79 -2.20 17.74
CA VAL B 205 -13.22 -2.31 16.39
C VAL B 205 -13.27 -3.77 15.96
N PRO B 206 -13.62 -4.07 14.70
CA PRO B 206 -13.61 -5.46 14.24
C PRO B 206 -12.22 -6.06 14.33
N ARG B 207 -12.17 -7.37 14.59
CA ARG B 207 -10.91 -8.08 14.64
C ARG B 207 -10.23 -8.03 13.28
N GLY B 208 -8.93 -7.87 13.29
CA GLY B 208 -8.16 -7.73 12.06
C GLY B 208 -7.97 -6.28 11.64
N LEU B 209 -9.06 -5.51 11.61
CA LEU B 209 -8.93 -4.10 11.28
C LEU B 209 -8.09 -3.36 12.31
N GLU B 210 -8.20 -3.73 13.58
CA GLU B 210 -7.34 -3.14 14.61
C GLU B 210 -5.88 -3.48 14.34
N ALA B 211 -5.61 -4.70 13.86
CA ALA B 211 -4.23 -5.12 13.62
C ALA B 211 -3.57 -4.28 12.53
N PHE B 212 -4.29 -4.01 11.44
CA PHE B 212 -3.68 -3.30 10.32
C PHE B 212 -3.29 -1.87 10.69
N THR B 213 -4.16 -1.16 11.40
CA THR B 213 -3.87 0.25 11.70
C THR B 213 -2.79 0.40 12.75
N VAL B 214 -2.64 -0.59 13.65
CA VAL B 214 -1.50 -0.56 14.57
C VAL B 214 -0.20 -0.72 13.78
N GLY B 215 -0.21 -1.55 12.74
CA GLY B 215 0.92 -1.61 11.84
C GLY B 215 1.10 -0.37 11.00
N LEU B 216 0.04 0.41 10.81
CA LEU B 216 0.16 1.68 10.10
C LEU B 216 1.03 2.67 10.86
N VAL B 217 0.87 2.72 12.19
CA VAL B 217 1.66 3.64 13.00
C VAL B 217 3.14 3.33 12.90
N VAL B 218 3.48 2.03 12.86
CA VAL B 218 4.89 1.64 12.78
C VAL B 218 5.51 2.14 11.49
N LEU B 219 4.79 2.01 10.37
CA LEU B 219 5.31 2.46 9.09
C LEU B 219 5.43 3.97 9.03
N VAL B 220 4.46 4.69 9.60
CA VAL B 220 4.47 6.15 9.54
C VAL B 220 5.58 6.71 10.41
N ILE B 221 5.79 6.12 11.60
CA ILE B 221 6.83 6.61 12.49
C ILE B 221 8.21 6.40 11.87
N GLY B 222 8.42 5.27 11.20
CA GLY B 222 9.70 5.02 10.58
C GLY B 222 10.03 6.02 9.49
N THR B 223 9.03 6.39 8.68
CA THR B 223 9.26 7.36 7.61
C THR B 223 9.48 8.76 8.16
N SER B 224 8.83 9.11 9.27
CA SER B 224 8.91 10.46 9.79
C SER B 224 10.18 10.69 10.59
N MET B 225 10.36 9.94 11.68
CA MET B 225 11.54 10.09 12.51
C MET B 225 12.79 9.62 11.78
N GLY B 226 13.92 10.21 12.15
CA GLY B 226 15.16 10.00 11.42
C GLY B 226 15.89 8.70 11.72
N PHE B 227 15.16 7.60 11.84
CA PHE B 227 15.74 6.27 12.02
C PHE B 227 15.45 5.43 10.79
N ASN B 228 16.50 4.89 10.19
CA ASN B 228 16.40 4.12 8.95
C ASN B 228 16.54 2.62 9.18
N SER B 229 16.04 2.11 10.29
CA SER B 229 16.10 0.69 10.60
C SER B 229 14.75 0.04 10.78
N GLY B 230 13.73 0.78 11.23
CA GLY B 230 12.40 0.23 11.36
C GLY B 230 12.02 -0.13 12.78
N TYR B 231 10.86 0.36 13.23
CA TYR B 231 10.32 0.08 14.56
C TYR B 231 11.34 0.41 15.64
N ALA B 232 11.96 1.57 15.52
CA ALA B 232 13.03 2.00 16.42
C ALA B 232 12.50 2.48 17.77
N VAL B 233 11.24 2.24 18.09
CA VAL B 233 10.66 2.66 19.36
C VAL B 233 10.30 1.45 20.23
N ASN B 234 10.94 0.31 20.00
CA ASN B 234 10.66 -0.91 20.74
C ASN B 234 11.86 -1.30 21.58
N PRO B 235 11.79 -1.24 22.91
CA PRO B 235 12.94 -1.65 23.73
C PRO B 235 13.34 -3.10 23.54
N ALA B 236 12.36 -4.00 23.35
CA ALA B 236 12.68 -5.42 23.21
C ALA B 236 13.25 -5.72 21.83
N ARG B 237 12.71 -5.11 20.78
CA ARG B 237 13.25 -5.28 19.44
C ARG B 237 14.63 -4.66 19.29
N ASP B 238 15.00 -3.75 20.19
CA ASP B 238 16.30 -3.09 20.12
C ASP B 238 17.37 -3.83 20.93
N PHE B 239 17.08 -4.12 22.20
CA PHE B 239 18.07 -4.75 23.06
C PHE B 239 18.22 -6.24 22.77
N GLY B 240 17.15 -6.92 22.37
CA GLY B 240 17.19 -8.34 22.10
C GLY B 240 18.21 -8.70 21.03
N PRO B 241 18.00 -8.23 19.80
CA PRO B 241 19.00 -8.46 18.74
C PRO B 241 20.36 -7.90 19.07
N ARG B 242 20.45 -6.80 19.83
CA ARG B 242 21.75 -6.25 20.20
C ARG B 242 22.53 -7.23 21.07
N LEU B 243 21.85 -7.88 22.01
CA LEU B 243 22.52 -8.86 22.85
C LEU B 243 23.02 -10.06 22.05
N PHE B 244 22.26 -10.46 21.02
CA PHE B 244 22.69 -11.56 20.17
C PHE B 244 23.99 -11.25 19.45
N THR B 245 24.10 -10.03 18.91
CA THR B 245 25.30 -9.67 18.16
C THR B 245 26.54 -9.67 19.05
N ALA B 246 26.38 -9.39 20.34
CA ALA B 246 27.52 -9.43 21.24
C ALA B 246 28.08 -10.84 21.37
N LEU B 247 27.20 -11.85 21.40
CA LEU B 247 27.62 -13.23 21.50
C LEU B 247 27.80 -13.91 20.15
N ALA B 248 27.24 -13.34 19.08
CA ALA B 248 27.35 -13.96 17.76
C ALA B 248 28.75 -13.86 17.18
N GLY B 249 29.57 -12.94 17.67
CA GLY B 249 30.93 -12.81 17.18
C GLY B 249 31.38 -11.38 17.00
N TRP B 250 30.46 -10.43 17.12
CA TRP B 250 30.80 -9.02 16.99
C TRP B 250 31.55 -8.48 18.20
N GLY B 251 31.60 -9.22 19.30
CA GLY B 251 32.28 -8.77 20.49
C GLY B 251 31.45 -7.80 21.31
N SER B 252 32.09 -7.27 22.35
CA SER B 252 31.45 -6.31 23.24
C SER B 252 31.53 -4.88 22.71
N GLU B 253 32.12 -4.68 21.53
CA GLU B 253 32.16 -3.34 20.94
C GLU B 253 30.78 -2.81 20.58
N VAL B 254 29.78 -3.70 20.46
CA VAL B 254 28.42 -3.23 20.20
C VAL B 254 27.82 -2.54 21.42
N PHE B 255 28.44 -2.71 22.59
CA PHE B 255 27.98 -2.03 23.80
C PHE B 255 28.78 -0.79 24.12
N THR B 256 30.01 -0.67 23.62
CA THR B 256 30.85 0.49 23.89
C THR B 256 31.14 1.26 22.61
N THR B 257 30.13 1.43 21.77
CA THR B 257 30.25 2.22 20.55
C THR B 257 29.22 3.33 20.56
N GLY B 258 29.53 4.42 19.86
CA GLY B 258 28.65 5.58 19.88
C GLY B 258 28.54 6.21 21.24
N GLN B 259 29.63 6.20 22.02
CA GLN B 259 29.65 6.74 23.38
C GLN B 259 28.60 6.08 24.26
N ASN B 260 28.56 4.74 24.22
CA ASN B 260 27.65 3.94 25.03
C ASN B 260 26.20 4.32 24.76
N TRP B 261 25.77 4.08 23.52
CA TRP B 261 24.42 4.41 23.08
C TRP B 261 23.39 3.35 23.45
N TRP B 262 23.83 2.16 23.86
CA TRP B 262 22.92 1.02 23.98
C TRP B 262 21.79 1.26 24.96
N TRP B 263 22.01 2.09 25.99
CA TRP B 263 20.98 2.29 27.01
C TRP B 263 19.88 3.24 26.57
N VAL B 264 20.14 4.09 25.56
CA VAL B 264 19.13 5.06 25.14
C VAL B 264 17.87 4.39 24.58
N PRO B 265 17.95 3.40 23.67
CA PRO B 265 16.73 2.80 23.13
C PRO B 265 15.90 2.02 24.14
N ILE B 266 16.27 2.01 25.42
CA ILE B 266 15.51 1.35 26.46
C ILE B 266 14.81 2.36 27.36
N VAL B 267 15.56 3.34 27.88
CA VAL B 267 14.99 4.31 28.80
C VAL B 267 14.04 5.26 28.07
N SER B 268 14.43 5.74 26.89
CA SER B 268 13.65 6.77 26.21
C SER B 268 12.25 6.30 25.84
N PRO B 269 12.04 5.14 25.19
CA PRO B 269 10.66 4.70 24.94
C PRO B 269 9.86 4.45 26.20
N LEU B 270 10.51 4.05 27.30
CA LEU B 270 9.80 3.84 28.56
C LEU B 270 9.27 5.17 29.09
N LEU B 271 10.04 6.24 28.96
CA LEU B 271 9.56 7.56 29.39
C LEU B 271 8.50 8.09 28.44
N GLY B 272 8.63 7.81 27.14
CA GLY B 272 7.65 8.30 26.18
C GLY B 272 6.28 7.70 26.38
N SER B 273 6.22 6.43 26.82
CA SER B 273 4.92 5.79 27.04
C SER B 273 4.15 6.49 28.16
N ILE B 274 4.85 6.91 29.22
CA ILE B 274 4.20 7.68 30.28
C ILE B 274 3.71 9.02 29.75
N GLY B 275 4.52 9.67 28.92
CA GLY B 275 4.11 10.95 28.36
C GLY B 275 2.91 10.84 27.44
N GLY B 276 2.87 9.79 26.63
CA GLY B 276 1.74 9.58 25.74
C GLY B 276 0.46 9.19 26.45
N VAL B 277 0.57 8.62 27.64
CA VAL B 277 -0.63 8.29 28.41
C VAL B 277 -1.30 9.56 28.93
N PHE B 278 -0.51 10.51 29.43
CA PHE B 278 -1.07 11.76 29.91
C PHE B 278 -1.68 12.57 28.78
N VAL B 279 -1.05 12.57 27.60
CA VAL B 279 -1.55 13.35 26.48
C VAL B 279 -2.92 12.84 26.05
N TYR B 280 -3.08 11.53 25.95
CA TYR B 280 -4.37 10.97 25.54
C TYR B 280 -5.44 11.19 26.60
N GLN B 281 -5.07 11.03 27.88
CA GLN B 281 -6.06 11.16 28.95
C GLN B 281 -6.49 12.60 29.14
N LEU B 282 -5.60 13.56 28.94
CA LEU B 282 -5.95 14.96 29.15
C LEU B 282 -6.86 15.47 28.05
N MET B 283 -6.61 15.09 26.79
CA MET B 283 -7.35 15.64 25.66
C MET B 283 -8.58 14.82 25.30
N ILE B 284 -8.46 13.48 25.27
CA ILE B 284 -9.53 12.61 24.85
C ILE B 284 -9.97 11.65 25.94
N GLY B 285 -9.01 11.08 26.68
CA GLY B 285 -9.30 10.02 27.62
C GLY B 285 -10.28 10.34 28.73
N CYS B 286 -9.95 11.31 29.59
CA CYS B 286 -10.76 11.58 30.75
C CYS B 286 -12.12 12.18 30.41
N HIS B 287 -12.29 12.72 29.21
CA HIS B 287 -13.55 13.32 28.80
C HIS B 287 -14.44 12.36 28.01
N LEU B 288 -14.03 11.11 27.84
CA LEU B 288 -14.77 10.15 27.03
C LEU B 288 -15.91 9.57 27.87
N GLU B 289 -17.12 10.06 27.62
CA GLU B 289 -18.31 9.57 28.31
C GLU B 289 -19.57 9.99 27.57
N TYR C 38 -20.42 -34.69 -8.33
CA TYR C 38 -19.13 -34.84 -7.65
C TYR C 38 -18.72 -33.53 -6.98
N ARG C 39 -18.84 -33.49 -5.65
CA ARG C 39 -18.44 -32.31 -4.91
C ARG C 39 -16.94 -32.06 -5.01
N LEU C 40 -16.15 -33.12 -5.06
CA LEU C 40 -14.70 -32.95 -5.19
C LEU C 40 -14.31 -32.34 -6.53
N LEU C 41 -15.06 -32.66 -7.59
CA LEU C 41 -14.79 -32.08 -8.90
C LEU C 41 -15.01 -30.57 -8.90
N ARG C 42 -16.04 -30.11 -8.20
CA ARG C 42 -16.32 -28.67 -8.16
C ARG C 42 -15.18 -27.90 -7.49
N GLN C 43 -14.61 -28.47 -6.43
CA GLN C 43 -13.53 -27.81 -5.71
C GLN C 43 -12.21 -27.85 -6.48
N ALA C 44 -12.02 -28.83 -7.36
CA ALA C 44 -10.82 -28.87 -8.17
C ALA C 44 -10.82 -27.76 -9.22
N LEU C 45 -11.98 -27.44 -9.77
CA LEU C 45 -12.08 -26.35 -10.73
C LEU C 45 -11.75 -25.01 -10.09
N ALA C 46 -12.21 -24.79 -8.86
CA ALA C 46 -11.91 -23.54 -8.17
C ALA C 46 -10.42 -23.40 -7.88
N GLU C 47 -9.77 -24.51 -7.49
CA GLU C 47 -8.33 -24.45 -7.23
C GLU C 47 -7.53 -24.21 -8.50
N CYS C 48 -7.97 -24.80 -9.62
CA CYS C 48 -7.29 -24.59 -10.88
C CYS C 48 -7.39 -23.13 -11.33
N LEU C 49 -8.57 -22.53 -11.18
CA LEU C 49 -8.74 -21.12 -11.55
C LEU C 49 -8.00 -20.20 -10.59
N GLY C 50 -7.95 -20.55 -9.31
CA GLY C 50 -7.25 -19.70 -8.35
C GLY C 50 -5.75 -19.62 -8.62
N THR C 51 -5.12 -20.75 -8.90
CA THR C 51 -3.70 -20.76 -9.22
C THR C 51 -3.42 -20.14 -10.58
N LEU C 52 -4.40 -20.17 -11.49
CA LEU C 52 -4.24 -19.51 -12.78
C LEU C 52 -4.13 -18.00 -12.63
N ILE C 53 -4.91 -17.42 -11.71
CA ILE C 53 -4.93 -15.97 -11.56
C ILE C 53 -3.60 -15.47 -10.99
N LEU C 54 -3.10 -16.12 -9.94
CA LEU C 54 -1.89 -15.63 -9.28
C LEU C 54 -0.65 -15.85 -10.13
N VAL C 55 -0.59 -16.96 -10.86
CA VAL C 55 0.57 -17.22 -11.71
C VAL C 55 0.59 -16.27 -12.90
N MET C 56 -0.56 -16.07 -13.56
CA MET C 56 -0.61 -15.15 -14.69
C MET C 56 -0.34 -13.72 -14.24
N PHE C 57 -0.92 -13.30 -13.11
CA PHE C 57 -0.70 -11.95 -12.63
C PHE C 57 0.68 -11.78 -12.00
N GLY C 58 1.21 -12.84 -11.41
CA GLY C 58 2.50 -12.77 -10.75
C GLY C 58 3.68 -12.92 -11.70
N CYS C 59 3.69 -14.00 -12.48
CA CYS C 59 4.76 -14.21 -13.44
C CYS C 59 4.77 -13.17 -14.55
N GLY C 60 3.62 -12.57 -14.85
CA GLY C 60 3.59 -11.48 -15.82
C GLY C 60 4.32 -10.25 -15.32
N SER C 61 4.25 -9.97 -14.02
CA SER C 61 4.99 -8.83 -13.46
C SER C 61 6.49 -9.06 -13.50
N VAL C 62 6.94 -10.30 -13.31
CA VAL C 62 8.36 -10.60 -13.40
C VAL C 62 8.88 -10.38 -14.81
N ALA C 63 8.04 -10.68 -15.81
CA ALA C 63 8.47 -10.53 -17.20
C ALA C 63 8.76 -9.08 -17.54
N GLN C 64 7.95 -8.15 -17.02
CA GLN C 64 8.19 -6.73 -17.29
C GLN C 64 9.53 -6.28 -16.71
N VAL C 65 9.85 -6.70 -15.49
CA VAL C 65 11.10 -6.32 -14.87
C VAL C 65 12.28 -7.00 -15.54
N VAL C 66 12.15 -8.29 -15.85
CA VAL C 66 13.27 -9.05 -16.41
C VAL C 66 13.59 -8.58 -17.83
N LEU C 67 12.55 -8.45 -18.67
CA LEU C 67 12.79 -8.11 -20.07
C LEU C 67 13.27 -6.68 -20.22
N SER C 68 12.60 -5.74 -19.56
CA SER C 68 13.04 -4.34 -19.53
C SER C 68 14.02 -4.20 -18.38
N ARG C 69 15.32 -4.24 -18.70
CA ARG C 69 16.36 -4.39 -17.68
C ARG C 69 16.39 -3.16 -16.79
N GLY C 70 15.84 -3.29 -15.58
CA GLY C 70 15.91 -2.24 -14.58
C GLY C 70 15.27 -0.94 -14.99
N THR C 71 14.21 -0.99 -15.79
CA THR C 71 13.53 0.22 -16.24
C THR C 71 12.07 0.28 -15.81
N HIS C 72 11.31 -0.78 -16.02
CA HIS C 72 9.89 -0.79 -15.72
C HIS C 72 9.58 -1.31 -14.32
N GLY C 73 10.55 -1.24 -13.41
CA GLY C 73 10.31 -1.64 -12.04
C GLY C 73 11.50 -2.31 -11.39
N GLY C 74 11.42 -2.55 -10.09
CA GLY C 74 12.48 -3.22 -9.36
C GLY C 74 12.00 -4.50 -8.70
N PHE C 75 12.38 -4.70 -7.44
CA PHE C 75 11.95 -5.87 -6.70
C PHE C 75 10.68 -5.65 -5.90
N LEU C 76 10.37 -4.39 -5.55
CA LEU C 76 9.15 -4.12 -4.80
C LEU C 76 7.90 -4.40 -5.63
N THR C 77 7.94 -4.07 -6.92
CA THR C 77 6.78 -4.31 -7.78
C THR C 77 6.55 -5.79 -8.01
N ILE C 78 7.62 -6.59 -8.06
CA ILE C 78 7.48 -8.04 -8.21
C ILE C 78 6.79 -8.63 -6.99
N ASN C 79 7.22 -8.21 -5.79
CA ASN C 79 6.64 -8.74 -4.57
C ASN C 79 5.25 -8.19 -4.30
N LEU C 80 4.99 -6.93 -4.67
CA LEU C 80 3.66 -6.36 -4.48
C LEU C 80 2.63 -7.02 -5.39
N ALA C 81 3.00 -7.28 -6.65
CA ALA C 81 2.07 -7.90 -7.58
C ALA C 81 1.71 -9.31 -7.15
N PHE C 82 2.70 -10.10 -6.73
CA PHE C 82 2.43 -11.46 -6.27
C PHE C 82 1.58 -11.45 -5.01
N GLY C 83 1.86 -10.54 -4.08
CA GLY C 83 1.08 -10.49 -2.85
C GLY C 83 -0.37 -10.13 -3.09
N PHE C 84 -0.61 -9.17 -3.99
CA PHE C 84 -1.99 -8.76 -4.28
C PHE C 84 -2.71 -9.79 -5.15
N ALA C 85 -2.00 -10.51 -6.01
CA ALA C 85 -2.63 -11.53 -6.83
C ALA C 85 -3.14 -12.69 -5.99
N VAL C 86 -2.49 -12.98 -4.86
CA VAL C 86 -2.97 -14.02 -3.97
C VAL C 86 -4.30 -13.61 -3.34
N THR C 87 -4.44 -12.33 -3.01
CA THR C 87 -5.69 -11.84 -2.43
C THR C 87 -6.85 -12.02 -3.40
N LEU C 88 -6.64 -11.68 -4.69
CA LEU C 88 -7.70 -11.85 -5.67
C LEU C 88 -7.99 -13.32 -5.94
N ALA C 89 -6.93 -14.15 -5.95
CA ALA C 89 -7.13 -15.58 -6.19
C ALA C 89 -7.93 -16.22 -5.06
N ILE C 90 -7.66 -15.84 -3.81
CA ILE C 90 -8.40 -16.39 -2.68
C ILE C 90 -9.85 -15.92 -2.72
N LEU C 91 -10.07 -14.65 -3.05
CA LEU C 91 -11.44 -14.12 -3.05
C LEU C 91 -12.30 -14.77 -4.12
N VAL C 92 -11.70 -15.15 -5.26
CA VAL C 92 -12.47 -15.76 -6.33
C VAL C 92 -12.93 -17.15 -5.96
N ALA C 93 -12.04 -17.96 -5.38
CA ALA C 93 -12.32 -19.36 -5.09
C ALA C 93 -12.42 -19.65 -3.59
N GLY C 94 -12.65 -18.64 -2.77
CA GLY C 94 -12.69 -18.85 -1.34
C GLY C 94 -13.88 -19.67 -0.88
N GLN C 95 -15.05 -19.42 -1.46
CA GLN C 95 -16.29 -20.03 -0.99
C GLN C 95 -16.53 -21.41 -1.59
N VAL C 96 -15.67 -21.89 -2.48
CA VAL C 96 -15.86 -23.16 -3.17
C VAL C 96 -14.94 -24.24 -2.62
N SER C 97 -13.63 -24.04 -2.71
CA SER C 97 -12.65 -25.04 -2.35
C SER C 97 -11.86 -24.70 -1.09
N GLY C 98 -12.11 -23.55 -0.49
CA GLY C 98 -11.33 -23.11 0.65
C GLY C 98 -10.14 -22.24 0.30
N ALA C 99 -9.78 -22.15 -0.97
CA ALA C 99 -8.71 -21.26 -1.46
C ALA C 99 -7.38 -21.56 -0.78
N HIS C 100 -6.88 -22.77 -1.03
CA HIS C 100 -5.55 -23.14 -0.55
C HIS C 100 -4.47 -22.61 -1.50
N LEU C 101 -4.56 -22.98 -2.77
CA LEU C 101 -3.64 -22.55 -3.82
C LEU C 101 -2.19 -22.88 -3.50
N ASN C 102 -1.96 -23.80 -2.56
CA ASN C 102 -0.62 -24.14 -2.12
C ASN C 102 -0.60 -25.59 -1.65
N PRO C 103 0.18 -26.46 -2.29
CA PRO C 103 0.27 -27.85 -1.81
C PRO C 103 0.78 -27.95 -0.38
N ALA C 104 1.63 -27.02 0.05
CA ALA C 104 2.07 -26.99 1.45
C ALA C 104 0.90 -26.67 2.37
N VAL C 105 0.06 -25.72 1.98
CA VAL C 105 -1.12 -25.39 2.79
C VAL C 105 -2.10 -26.56 2.83
N THR C 106 -2.31 -27.21 1.68
CA THR C 106 -3.18 -28.39 1.64
C THR C 106 -2.60 -29.53 2.46
N PHE C 107 -1.28 -29.71 2.41
CA PHE C 107 -0.64 -30.76 3.18
C PHE C 107 -0.81 -30.54 4.68
N ALA C 108 -0.68 -29.28 5.12
CA ALA C 108 -0.81 -28.97 6.55
C ALA C 108 -2.21 -29.30 7.06
N MET C 109 -3.23 -28.98 6.27
CA MET C 109 -4.61 -29.28 6.68
C MET C 109 -4.83 -30.79 6.77
N CYS C 110 -4.26 -31.55 5.83
CA CYS C 110 -4.34 -33.01 5.91
C CYS C 110 -3.58 -33.53 7.12
N PHE C 111 -2.42 -32.94 7.42
CA PHE C 111 -1.64 -33.35 8.58
C PHE C 111 -2.38 -33.08 9.88
N LEU C 112 -3.20 -32.03 9.92
CA LEU C 112 -3.99 -31.68 11.08
C LEU C 112 -5.35 -32.37 11.10
N ALA C 113 -5.64 -33.23 10.13
CA ALA C 113 -6.90 -33.96 10.02
C ALA C 113 -8.10 -33.03 9.85
N ARG C 114 -7.87 -31.80 9.37
CA ARG C 114 -8.98 -30.90 9.09
C ARG C 114 -9.69 -31.28 7.79
N GLU C 115 -8.97 -31.84 6.83
CA GLU C 115 -9.51 -32.27 5.55
C GLU C 115 -9.14 -33.72 5.29
N PRO C 116 -9.94 -34.43 4.49
CA PRO C 116 -9.59 -35.83 4.19
C PRO C 116 -8.27 -35.92 3.43
N TRP C 117 -7.58 -37.04 3.63
CA TRP C 117 -6.29 -37.24 2.98
C TRP C 117 -6.41 -37.43 1.47
N ILE C 118 -7.63 -37.69 0.97
CA ILE C 118 -7.84 -37.82 -0.47
C ILE C 118 -7.94 -36.47 -1.17
N LYS C 119 -8.02 -35.37 -0.42
CA LYS C 119 -8.08 -34.05 -1.01
C LYS C 119 -6.72 -33.51 -1.41
N LEU C 120 -5.64 -34.20 -1.04
CA LEU C 120 -4.29 -33.75 -1.39
C LEU C 120 -3.95 -34.06 -2.84
N PRO C 121 -4.10 -35.30 -3.32
CA PRO C 121 -3.78 -35.55 -4.74
C PRO C 121 -4.64 -34.77 -5.70
N ILE C 122 -5.92 -34.55 -5.37
CA ILE C 122 -6.80 -33.80 -6.27
C ILE C 122 -6.41 -32.34 -6.31
N TYR C 123 -6.15 -31.73 -5.15
CA TYR C 123 -5.80 -30.31 -5.11
C TYR C 123 -4.43 -30.07 -5.73
N THR C 124 -3.47 -30.97 -5.48
CA THR C 124 -2.13 -30.80 -6.04
C THR C 124 -2.15 -30.86 -7.56
N LEU C 125 -2.91 -31.81 -8.11
CA LEU C 125 -3.05 -31.88 -9.56
C LEU C 125 -3.75 -30.65 -10.12
N ALA C 126 -4.78 -30.16 -9.41
CA ALA C 126 -5.50 -28.98 -9.87
C ALA C 126 -4.66 -27.72 -9.70
N GLN C 127 -3.79 -27.68 -8.70
CA GLN C 127 -2.95 -26.50 -8.50
C GLN C 127 -1.82 -26.44 -9.51
N THR C 128 -1.22 -27.59 -9.85
CA THR C 128 -0.16 -27.62 -10.85
C THR C 128 -0.70 -27.30 -12.23
N LEU C 129 -1.88 -27.81 -12.56
CA LEU C 129 -2.55 -27.50 -13.82
C LEU C 129 -3.33 -26.20 -13.63
N GLY C 130 -2.77 -25.10 -14.11
CA GLY C 130 -3.28 -23.78 -13.85
C GLY C 130 -2.14 -22.83 -13.57
N ALA C 131 -1.10 -23.35 -12.92
CA ALA C 131 0.20 -22.70 -12.98
C ALA C 131 0.88 -22.98 -14.31
N PHE C 132 0.69 -24.19 -14.85
CA PHE C 132 1.11 -24.48 -16.22
C PHE C 132 0.33 -23.64 -17.23
N LEU C 133 -0.99 -23.49 -17.02
CA LEU C 133 -1.79 -22.71 -17.94
C LEU C 133 -1.54 -21.21 -17.75
N GLY C 134 -1.36 -20.77 -16.51
CA GLY C 134 -1.06 -19.37 -16.28
C GLY C 134 0.27 -18.96 -16.86
N ALA C 135 1.26 -19.85 -16.80
CA ALA C 135 2.56 -19.57 -17.42
C ALA C 135 2.45 -19.54 -18.94
N GLY C 136 1.58 -20.37 -19.52
CA GLY C 136 1.38 -20.35 -20.95
C GLY C 136 0.79 -19.05 -21.45
N ILE C 137 -0.09 -18.43 -20.66
CA ILE C 137 -0.66 -17.14 -21.04
C ILE C 137 0.43 -16.08 -21.07
N VAL C 138 1.31 -16.07 -20.07
CA VAL C 138 2.37 -15.07 -20.02
C VAL C 138 3.32 -15.21 -21.20
N PHE C 139 3.60 -16.45 -21.60
CA PHE C 139 4.43 -16.66 -22.78
C PHE C 139 3.78 -16.13 -24.05
N GLY C 140 2.45 -16.25 -24.14
CA GLY C 140 1.75 -15.69 -25.29
C GLY C 140 1.81 -14.18 -25.34
N LEU C 141 1.70 -13.53 -24.17
CA LEU C 141 1.70 -12.07 -24.13
C LEU C 141 3.08 -11.51 -24.49
N TYR C 142 4.14 -12.12 -23.97
CA TYR C 142 5.50 -11.64 -24.16
C TYR C 142 6.29 -12.54 -25.12
N TYR C 143 5.61 -13.08 -26.13
CA TYR C 143 6.27 -13.99 -27.06
C TYR C 143 7.35 -13.29 -27.85
N ASP C 144 7.06 -12.07 -28.35
CA ASP C 144 8.03 -11.37 -29.18
C ASP C 144 9.23 -10.88 -28.37
N ALA C 145 8.97 -10.35 -27.18
CA ALA C 145 10.06 -9.81 -26.36
C ALA C 145 10.96 -10.91 -25.81
N ILE C 146 10.38 -12.07 -25.48
CA ILE C 146 11.17 -13.16 -24.90
C ILE C 146 12.14 -13.72 -25.94
N TRP C 147 11.66 -13.94 -27.16
CA TRP C 147 12.51 -14.52 -28.21
C TRP C 147 13.59 -13.54 -28.66
N ALA C 148 13.41 -12.24 -28.47
CA ALA C 148 14.36 -11.23 -28.90
C ALA C 148 15.29 -10.78 -27.78
N PHE C 149 15.20 -11.40 -26.60
CA PHE C 149 16.06 -10.99 -25.49
C PHE C 149 17.53 -11.26 -25.80
N ALA C 150 17.83 -12.40 -26.42
CA ALA C 150 19.20 -12.77 -26.78
C ALA C 150 19.28 -13.10 -28.26
N GLY C 151 18.69 -12.25 -29.09
CA GLY C 151 18.68 -12.47 -30.52
C GLY C 151 17.48 -13.29 -30.97
N ASN C 152 17.73 -14.58 -31.26
CA ASN C 152 16.65 -15.48 -31.64
C ASN C 152 16.77 -16.84 -30.96
N GLU C 153 17.51 -16.92 -29.86
CA GLU C 153 17.74 -18.18 -29.15
C GLU C 153 17.31 -18.01 -27.70
N LEU C 154 16.65 -19.05 -27.17
CA LEU C 154 16.19 -19.05 -25.79
C LEU C 154 17.30 -19.58 -24.88
N VAL C 155 17.65 -18.80 -23.87
CA VAL C 155 18.75 -19.11 -22.95
C VAL C 155 18.15 -19.35 -21.57
N VAL C 156 18.42 -20.52 -21.00
CA VAL C 156 17.83 -20.88 -19.72
C VAL C 156 18.42 -20.04 -18.59
N SER C 157 19.75 -19.92 -18.55
CA SER C 157 20.42 -19.21 -17.46
C SER C 157 21.59 -18.42 -18.01
N GLY C 158 21.90 -17.32 -17.32
CA GLY C 158 22.97 -16.44 -17.70
C GLY C 158 22.58 -14.98 -17.59
N PRO C 159 23.35 -14.10 -18.22
CA PRO C 159 23.00 -12.67 -18.20
C PRO C 159 21.70 -12.39 -18.94
N ASN C 160 21.58 -12.91 -20.16
CA ASN C 160 20.36 -12.78 -20.95
C ASN C 160 19.52 -14.05 -20.84
N GLY C 161 19.16 -14.39 -19.61
CA GLY C 161 18.37 -15.57 -19.33
C GLY C 161 16.90 -15.23 -19.17
N THR C 162 16.06 -15.93 -19.93
CA THR C 162 14.62 -15.70 -19.91
C THR C 162 13.84 -16.75 -19.14
N ALA C 163 14.48 -17.87 -18.77
CA ALA C 163 13.78 -18.90 -18.02
C ALA C 163 13.55 -18.53 -16.57
N GLY C 164 14.18 -17.46 -16.08
CA GLY C 164 13.96 -17.02 -14.72
C GLY C 164 12.64 -16.30 -14.49
N ILE C 165 11.91 -16.01 -15.57
CA ILE C 165 10.59 -15.38 -15.42
C ILE C 165 9.60 -16.36 -14.80
N PHE C 166 9.70 -17.63 -15.15
CA PHE C 166 8.71 -18.63 -14.75
C PHE C 166 9.11 -19.40 -13.49
N ALA C 167 10.37 -19.77 -13.33
CA ALA C 167 10.81 -20.59 -12.21
C ALA C 167 12.07 -20.01 -11.58
N THR C 168 12.25 -20.31 -10.30
CA THR C 168 13.41 -19.84 -9.56
C THR C 168 14.67 -20.61 -9.94
N TYR C 169 15.81 -19.96 -9.81
CA TYR C 169 17.10 -20.54 -10.15
C TYR C 169 18.12 -20.15 -9.09
N PRO C 170 19.16 -20.96 -8.89
CA PRO C 170 20.15 -20.64 -7.87
C PRO C 170 21.03 -19.46 -8.28
N SER C 171 21.09 -18.45 -7.41
CA SER C 171 21.89 -17.27 -7.64
C SER C 171 23.31 -17.49 -7.10
N GLY C 172 24.09 -16.42 -7.03
CA GLY C 172 25.45 -16.54 -6.53
C GLY C 172 25.52 -17.01 -5.09
N HIS C 173 24.63 -16.51 -4.24
CA HIS C 173 24.58 -16.88 -2.82
C HIS C 173 23.35 -17.71 -2.49
N LEU C 174 22.86 -18.49 -3.46
CA LEU C 174 21.64 -19.28 -3.30
C LEU C 174 21.92 -20.75 -3.63
N ASP C 175 22.99 -21.28 -3.06
CA ASP C 175 23.33 -22.68 -3.23
C ASP C 175 22.21 -23.56 -2.66
N MET C 176 22.27 -24.86 -2.99
CA MET C 176 21.25 -25.79 -2.53
C MET C 176 21.22 -25.88 -1.01
N VAL C 177 22.39 -25.87 -0.38
CA VAL C 177 22.43 -25.88 1.08
C VAL C 177 21.90 -24.56 1.63
N ASN C 178 22.20 -23.45 0.96
CA ASN C 178 21.62 -22.17 1.36
C ASN C 178 20.16 -22.07 0.97
N GLY C 179 19.82 -22.54 -0.24
CA GLY C 179 18.44 -22.43 -0.71
C GLY C 179 17.47 -23.27 0.09
N PHE C 180 17.90 -24.46 0.52
CA PHE C 180 17.00 -25.34 1.26
C PHE C 180 16.57 -24.72 2.57
N PHE C 181 17.49 -24.03 3.25
CA PHE C 181 17.16 -23.39 4.52
C PHE C 181 16.17 -22.24 4.32
N ASP C 182 16.32 -21.47 3.24
CA ASP C 182 15.46 -20.31 3.03
C ASP C 182 14.01 -20.72 2.82
N GLN C 183 13.76 -21.78 2.05
CA GLN C 183 12.40 -22.21 1.79
C GLN C 183 11.78 -22.92 2.99
N PHE C 184 12.59 -23.55 3.83
CA PHE C 184 12.07 -24.17 5.04
C PHE C 184 11.53 -23.11 6.00
N ILE C 185 12.31 -22.05 6.24
CA ILE C 185 11.86 -20.98 7.12
C ILE C 185 10.71 -20.21 6.49
N GLY C 186 10.76 -20.00 5.18
CA GLY C 186 9.71 -19.25 4.51
C GLY C 186 8.36 -19.94 4.59
N THR C 187 8.35 -21.26 4.35
CA THR C 187 7.09 -22.00 4.40
C THR C 187 6.61 -22.19 5.83
N ALA C 188 7.53 -22.31 6.79
CA ALA C 188 7.14 -22.45 8.18
C ALA C 188 6.43 -21.20 8.68
N ALA C 189 6.93 -20.02 8.30
CA ALA C 189 6.28 -18.78 8.69
C ALA C 189 4.93 -18.61 8.00
N LEU C 190 4.83 -19.05 6.75
CA LEU C 190 3.56 -18.96 6.04
C LEU C 190 2.49 -19.84 6.68
N ILE C 191 2.86 -21.04 7.10
CA ILE C 191 1.89 -21.95 7.71
C ILE C 191 1.45 -21.42 9.07
N VAL C 192 2.38 -20.83 9.83
CA VAL C 192 2.05 -20.33 11.15
C VAL C 192 0.99 -19.22 11.07
N CYS C 193 1.16 -18.29 10.13
CA CYS C 193 0.21 -17.20 9.99
C CYS C 193 -1.13 -17.70 9.45
N VAL C 194 -1.10 -18.65 8.51
CA VAL C 194 -2.34 -19.15 7.93
C VAL C 194 -3.16 -19.89 8.97
N LEU C 195 -2.50 -20.72 9.79
CA LEU C 195 -3.22 -21.50 10.79
C LEU C 195 -3.88 -20.63 11.84
N ALA C 196 -3.32 -19.44 12.10
CA ALA C 196 -3.91 -18.54 13.09
C ALA C 196 -5.28 -18.04 12.63
N ILE C 197 -5.40 -17.66 11.35
CA ILE C 197 -6.66 -17.15 10.83
C ILE C 197 -7.69 -18.27 10.74
N VAL C 198 -7.29 -19.44 10.23
CA VAL C 198 -8.23 -20.52 9.97
C VAL C 198 -8.78 -21.10 11.27
N ASP C 199 -8.00 -21.07 12.35
CA ASP C 199 -8.27 -21.72 13.63
C ASP C 199 -9.72 -21.54 14.07
N PRO C 200 -10.47 -22.64 14.18
CA PRO C 200 -11.88 -22.53 14.62
C PRO C 200 -12.04 -21.98 16.02
N TYR C 201 -11.07 -22.23 16.91
CA TYR C 201 -11.17 -21.73 18.27
C TYR C 201 -11.18 -20.21 18.30
N ASN C 202 -10.38 -19.58 17.45
CA ASN C 202 -10.41 -18.12 17.33
C ASN C 202 -11.74 -17.67 16.74
N ASN C 203 -12.04 -16.38 16.94
CA ASN C 203 -13.29 -15.84 16.44
C ASN C 203 -13.29 -15.89 14.91
N PRO C 204 -14.43 -16.22 14.29
CA PRO C 204 -14.47 -16.30 12.82
C PRO C 204 -14.21 -14.97 12.15
N VAL C 205 -13.09 -14.86 11.45
CA VAL C 205 -12.77 -13.62 10.74
C VAL C 205 -13.78 -13.42 9.61
N PRO C 206 -14.37 -12.23 9.46
CA PRO C 206 -15.32 -12.02 8.37
C PRO C 206 -14.65 -12.17 7.01
N ARG C 207 -15.42 -12.67 6.04
CA ARG C 207 -14.89 -12.86 4.71
C ARG C 207 -14.49 -11.52 4.10
N GLY C 208 -13.30 -11.50 3.49
CA GLY C 208 -12.80 -10.28 2.88
C GLY C 208 -11.50 -9.82 3.50
N LEU C 209 -11.40 -9.86 4.83
CA LEU C 209 -10.16 -9.50 5.51
C LEU C 209 -9.23 -10.68 5.70
N GLU C 210 -9.74 -11.91 5.59
CA GLU C 210 -8.87 -13.08 5.63
C GLU C 210 -8.02 -13.16 4.36
N ALA C 211 -8.58 -12.76 3.22
CA ALA C 211 -7.85 -12.83 1.97
C ALA C 211 -6.68 -11.85 1.95
N PHE C 212 -6.88 -10.64 2.47
CA PHE C 212 -5.79 -9.67 2.50
C PHE C 212 -4.66 -10.13 3.40
N THR C 213 -4.98 -10.80 4.52
CA THR C 213 -3.96 -11.22 5.46
C THR C 213 -3.02 -12.24 4.83
N VAL C 214 -3.55 -13.21 4.09
CA VAL C 214 -2.72 -14.21 3.44
C VAL C 214 -1.84 -13.58 2.37
N GLY C 215 -2.37 -12.59 1.66
CA GLY C 215 -1.57 -11.86 0.69
C GLY C 215 -0.50 -11.00 1.32
N LEU C 216 -0.67 -10.63 2.59
CA LEU C 216 0.36 -9.86 3.28
C LEU C 216 1.57 -10.72 3.62
N VAL C 217 1.36 -11.99 3.95
CA VAL C 217 2.47 -12.88 4.26
C VAL C 217 3.36 -13.07 3.04
N VAL C 218 2.74 -13.21 1.86
CA VAL C 218 3.51 -13.46 0.65
C VAL C 218 4.39 -12.26 0.32
N LEU C 219 3.91 -11.04 0.59
CA LEU C 219 4.68 -9.85 0.30
C LEU C 219 5.87 -9.72 1.25
N VAL C 220 5.66 -9.96 2.54
CA VAL C 220 6.72 -9.81 3.52
C VAL C 220 7.78 -10.89 3.35
N ILE C 221 7.36 -12.12 3.04
CA ILE C 221 8.32 -13.22 2.88
C ILE C 221 9.26 -12.94 1.71
N GLY C 222 8.72 -12.45 0.60
CA GLY C 222 9.55 -12.16 -0.56
C GLY C 222 10.57 -11.08 -0.28
N THR C 223 10.19 -10.07 0.49
CA THR C 223 11.12 -8.99 0.82
C THR C 223 12.21 -9.46 1.77
N SER C 224 11.87 -10.34 2.72
CA SER C 224 12.82 -10.76 3.74
C SER C 224 13.78 -11.82 3.23
N MET C 225 13.24 -12.96 2.80
CA MET C 225 14.08 -14.06 2.34
C MET C 225 14.75 -13.70 1.01
N GLY C 226 15.90 -14.33 0.75
CA GLY C 226 16.66 -14.06 -0.44
C GLY C 226 16.14 -14.73 -1.68
N PHE C 227 14.95 -14.33 -2.14
CA PHE C 227 14.35 -14.87 -3.35
C PHE C 227 13.65 -13.73 -4.08
N ASN C 228 14.21 -13.32 -5.22
CA ASN C 228 13.69 -12.21 -6.00
C ASN C 228 12.79 -12.67 -7.15
N SER C 229 12.07 -13.78 -6.97
CA SER C 229 11.16 -14.29 -7.98
C SER C 229 9.70 -14.11 -7.62
N GLY C 230 9.34 -14.18 -6.35
CA GLY C 230 7.96 -14.01 -5.93
C GLY C 230 7.26 -15.32 -5.60
N TYR C 231 6.72 -15.41 -4.38
CA TYR C 231 6.02 -16.60 -3.90
C TYR C 231 6.88 -17.85 -4.08
N ALA C 232 8.12 -17.76 -3.60
CA ALA C 232 9.07 -18.86 -3.76
C ALA C 232 8.73 -20.08 -2.90
N VAL C 233 7.77 -19.96 -1.99
CA VAL C 233 7.45 -21.04 -1.07
C VAL C 233 6.23 -21.84 -1.55
N ASN C 234 5.89 -21.75 -2.83
CA ASN C 234 4.77 -22.50 -3.40
C ASN C 234 5.28 -23.60 -4.29
N PRO C 235 5.11 -24.88 -3.92
CA PRO C 235 5.54 -25.97 -4.82
C PRO C 235 4.83 -25.97 -6.17
N ALA C 236 3.55 -25.59 -6.20
CA ALA C 236 2.80 -25.58 -7.46
C ALA C 236 3.17 -24.41 -8.35
N ARG C 237 3.48 -23.26 -7.76
CA ARG C 237 3.91 -22.10 -8.54
C ARG C 237 5.28 -22.30 -9.17
N ASP C 238 6.07 -23.23 -8.66
CA ASP C 238 7.42 -23.47 -9.18
C ASP C 238 7.47 -24.58 -10.22
N PHE C 239 6.82 -25.72 -9.97
CA PHE C 239 6.93 -26.85 -10.88
C PHE C 239 6.14 -26.62 -12.17
N GLY C 240 4.95 -26.01 -12.06
CA GLY C 240 4.10 -25.80 -13.20
C GLY C 240 4.76 -24.98 -14.29
N PRO C 241 5.12 -23.73 -13.97
CA PRO C 241 5.85 -22.91 -14.95
C PRO C 241 7.17 -23.52 -15.39
N ARG C 242 7.87 -24.23 -14.51
CA ARG C 242 9.11 -24.89 -14.91
C ARG C 242 8.83 -26.02 -15.90
N LEU C 243 7.75 -26.76 -15.68
CA LEU C 243 7.37 -27.82 -16.62
C LEU C 243 7.03 -27.24 -17.99
N PHE C 244 6.33 -26.10 -18.00
CA PHE C 244 6.01 -25.45 -19.27
C PHE C 244 7.27 -24.99 -19.99
N THR C 245 8.25 -24.49 -19.25
CA THR C 245 9.47 -23.99 -19.86
C THR C 245 10.22 -25.07 -20.62
N ALA C 246 10.11 -26.33 -20.17
CA ALA C 246 10.77 -27.42 -20.88
C ALA C 246 10.19 -27.61 -22.28
N LEU C 247 8.87 -27.53 -22.42
CA LEU C 247 8.21 -27.74 -23.70
C LEU C 247 8.04 -26.45 -24.51
N ALA C 248 8.34 -25.29 -23.92
CA ALA C 248 8.16 -24.04 -24.66
C ALA C 248 9.26 -23.83 -25.69
N GLY C 249 10.44 -24.40 -25.46
CA GLY C 249 11.55 -24.24 -26.39
C GLY C 249 12.88 -24.08 -25.70
N TRP C 250 12.86 -23.95 -24.37
CA TRP C 250 14.09 -23.80 -23.60
C TRP C 250 14.88 -25.10 -23.50
N GLY C 251 14.30 -26.23 -23.89
CA GLY C 251 14.99 -27.50 -23.80
C GLY C 251 14.88 -28.11 -22.41
N SER C 252 15.66 -29.17 -22.22
CA SER C 252 15.68 -29.89 -20.96
C SER C 252 16.73 -29.35 -19.99
N GLU C 253 17.44 -28.28 -20.36
CA GLU C 253 18.43 -27.68 -19.47
C GLU C 253 17.80 -27.01 -18.25
N VAL C 254 16.47 -26.82 -18.24
CA VAL C 254 15.80 -26.28 -17.08
C VAL C 254 15.70 -27.27 -15.93
N PHE C 255 16.04 -28.54 -16.17
CA PHE C 255 15.99 -29.57 -15.15
C PHE C 255 17.35 -30.08 -14.73
N THR C 256 18.38 -29.92 -15.55
CA THR C 256 19.72 -30.41 -15.27
C THR C 256 20.72 -29.26 -15.13
N THR C 257 20.27 -28.14 -14.56
CA THR C 257 21.13 -27.00 -14.31
C THR C 257 20.99 -26.58 -12.85
N GLY C 258 22.00 -25.89 -12.35
CA GLY C 258 22.05 -25.54 -10.94
C GLY C 258 22.20 -26.75 -10.04
N GLN C 259 22.96 -27.75 -10.47
CA GLN C 259 23.19 -28.98 -9.71
C GLN C 259 21.87 -29.67 -9.38
N ASN C 260 21.01 -29.79 -10.38
CA ASN C 260 19.68 -30.41 -10.24
C ASN C 260 18.87 -29.72 -9.14
N TRP C 261 18.66 -28.42 -9.34
CA TRP C 261 17.97 -27.58 -8.37
C TRP C 261 16.45 -27.74 -8.43
N TRP C 262 15.91 -28.41 -9.45
CA TRP C 262 14.48 -28.38 -9.69
C TRP C 262 13.68 -29.00 -8.54
N TRP C 263 14.24 -30.01 -7.86
CA TRP C 263 13.49 -30.68 -6.80
C TRP C 263 13.58 -29.96 -5.46
N VAL C 264 14.48 -28.99 -5.30
CA VAL C 264 14.59 -28.29 -4.02
C VAL C 264 13.33 -27.48 -3.69
N PRO C 265 12.76 -26.69 -4.61
CA PRO C 265 11.54 -25.93 -4.26
C PRO C 265 10.27 -26.76 -4.20
N ILE C 266 10.37 -28.09 -4.25
CA ILE C 266 9.20 -28.95 -4.13
C ILE C 266 9.23 -29.77 -2.84
N VAL C 267 10.41 -30.11 -2.33
CA VAL C 267 10.51 -30.94 -1.13
C VAL C 267 10.66 -30.10 0.12
N SER C 268 11.53 -29.09 0.09
CA SER C 268 11.73 -28.24 1.26
C SER C 268 10.47 -27.48 1.69
N PRO C 269 9.63 -26.93 0.79
CA PRO C 269 8.37 -26.34 1.28
C PRO C 269 7.47 -27.33 1.98
N LEU C 270 7.48 -28.60 1.55
CA LEU C 270 6.67 -29.61 2.22
C LEU C 270 7.12 -29.84 3.65
N LEU C 271 8.44 -29.87 3.88
CA LEU C 271 8.96 -30.05 5.22
C LEU C 271 8.59 -28.87 6.12
N GLY C 272 8.66 -27.65 5.59
CA GLY C 272 8.36 -26.48 6.40
C GLY C 272 6.91 -26.42 6.87
N SER C 273 6.00 -27.05 6.12
CA SER C 273 4.61 -27.10 6.55
C SER C 273 4.43 -27.97 7.79
N ILE C 274 5.22 -29.04 7.91
CA ILE C 274 5.18 -29.86 9.12
C ILE C 274 5.78 -29.09 10.29
N GLY C 275 6.88 -28.37 10.05
CA GLY C 275 7.48 -27.58 11.11
C GLY C 275 6.60 -26.44 11.57
N GLY C 276 5.91 -25.79 10.62
CA GLY C 276 5.01 -24.70 10.99
C GLY C 276 3.84 -25.18 11.82
N VAL C 277 3.33 -26.38 11.53
CA VAL C 277 2.25 -26.94 12.33
C VAL C 277 2.71 -27.20 13.76
N PHE C 278 3.91 -27.78 13.91
CA PHE C 278 4.43 -28.06 15.24
C PHE C 278 4.70 -26.78 16.02
N VAL C 279 5.23 -25.75 15.35
CA VAL C 279 5.53 -24.50 16.02
C VAL C 279 4.25 -23.83 16.52
N TYR C 280 3.23 -23.80 15.67
CA TYR C 280 1.98 -23.13 16.05
C TYR C 280 1.24 -23.91 17.13
N GLN C 281 1.15 -25.23 16.98
CA GLN C 281 0.37 -26.03 17.92
C GLN C 281 0.97 -25.97 19.32
N LEU C 282 2.29 -26.04 19.42
CA LEU C 282 2.93 -26.06 20.74
C LEU C 282 2.78 -24.72 21.44
N MET C 283 3.03 -23.62 20.74
CA MET C 283 2.99 -22.30 21.36
C MET C 283 1.56 -21.84 21.63
N ILE C 284 0.65 -22.06 20.69
CA ILE C 284 -0.69 -21.47 20.77
C ILE C 284 -1.79 -22.51 20.67
N GLY C 285 -1.71 -23.37 19.65
CA GLY C 285 -2.86 -24.19 19.29
C GLY C 285 -3.26 -25.19 20.36
N CYS C 286 -2.30 -25.89 20.94
CA CYS C 286 -2.63 -26.98 21.86
C CYS C 286 -3.24 -26.50 23.17
N HIS C 287 -3.14 -25.21 23.48
CA HIS C 287 -3.64 -24.67 24.74
C HIS C 287 -4.93 -23.88 24.59
N LEU C 288 -5.40 -23.63 23.36
CA LEU C 288 -6.63 -22.88 23.17
C LEU C 288 -7.83 -23.72 23.54
N GLU C 289 -8.92 -23.05 23.90
CA GLU C 289 -10.17 -23.71 24.26
C GLU C 289 -11.36 -22.79 24.00
N TYR D 38 -38.02 9.30 -13.01
CA TYR D 38 -37.23 8.49 -13.92
C TYR D 38 -35.97 7.99 -13.22
N ARG D 39 -36.01 6.72 -12.80
CA ARG D 39 -34.88 6.15 -12.07
C ARG D 39 -33.65 5.99 -12.95
N LEU D 40 -33.85 5.76 -14.25
CA LEU D 40 -32.71 5.59 -15.15
C LEU D 40 -31.89 6.87 -15.28
N LEU D 41 -32.55 8.03 -15.18
CA LEU D 41 -31.82 9.29 -15.25
C LEU D 41 -30.88 9.46 -14.06
N ARG D 42 -31.33 9.06 -12.87
CA ARG D 42 -30.49 9.19 -11.69
C ARG D 42 -29.28 8.25 -11.74
N GLN D 43 -29.43 7.08 -12.36
CA GLN D 43 -28.33 6.14 -12.43
C GLN D 43 -27.27 6.58 -13.44
N ALA D 44 -27.67 7.27 -14.51
CA ALA D 44 -26.70 7.75 -15.47
C ALA D 44 -25.85 8.88 -14.92
N LEU D 45 -26.44 9.74 -14.08
CA LEU D 45 -25.69 10.84 -13.49
C LEU D 45 -24.58 10.34 -12.57
N ALA D 46 -24.85 9.30 -11.80
CA ALA D 46 -23.83 8.75 -10.91
C ALA D 46 -22.71 8.08 -11.70
N GLU D 47 -23.02 7.55 -12.89
CA GLU D 47 -21.97 6.95 -13.71
C GLU D 47 -21.04 8.01 -14.28
N CYS D 48 -21.59 9.16 -14.69
CA CYS D 48 -20.76 10.23 -15.21
C CYS D 48 -19.84 10.79 -14.14
N LEU D 49 -20.35 10.97 -12.92
CA LEU D 49 -19.50 11.46 -11.83
C LEU D 49 -18.44 10.43 -11.45
N GLY D 50 -18.79 9.15 -11.49
CA GLY D 50 -17.82 8.13 -11.13
C GLY D 50 -16.66 8.05 -12.11
N THR D 51 -16.95 8.15 -13.41
CA THR D 51 -15.87 8.13 -14.40
C THR D 51 -15.08 9.42 -14.41
N LEU D 52 -15.71 10.54 -14.05
CA LEU D 52 -14.99 11.81 -13.95
C LEU D 52 -13.93 11.75 -12.86
N ILE D 53 -14.26 11.13 -11.72
CA ILE D 53 -13.28 10.98 -10.65
C ILE D 53 -12.13 10.09 -11.07
N LEU D 54 -12.45 8.98 -11.76
CA LEU D 54 -11.42 8.02 -12.14
C LEU D 54 -10.45 8.59 -13.15
N VAL D 55 -10.97 9.25 -14.19
CA VAL D 55 -10.10 9.75 -15.26
C VAL D 55 -9.27 10.93 -14.77
N MET D 56 -9.88 11.86 -14.03
CA MET D 56 -9.16 13.03 -13.56
C MET D 56 -8.04 12.65 -12.61
N PHE D 57 -8.30 11.72 -11.69
CA PHE D 57 -7.26 11.32 -10.75
C PHE D 57 -6.19 10.45 -11.41
N GLY D 58 -6.58 9.64 -12.39
CA GLY D 58 -5.64 8.76 -13.05
C GLY D 58 -4.76 9.46 -14.07
N CYS D 59 -5.38 10.17 -15.00
CA CYS D 59 -4.62 10.87 -16.03
C CYS D 59 -3.77 12.01 -15.46
N GLY D 60 -4.12 12.51 -14.28
CA GLY D 60 -3.29 13.52 -13.65
C GLY D 60 -1.94 12.98 -13.22
N SER D 61 -1.89 11.74 -12.75
CA SER D 61 -0.62 11.13 -12.38
C SER D 61 0.20 10.79 -13.61
N VAL D 62 -0.46 10.37 -14.69
CA VAL D 62 0.25 10.11 -15.94
C VAL D 62 0.88 11.39 -16.47
N ALA D 63 0.14 12.50 -16.42
CA ALA D 63 0.68 13.78 -16.84
C ALA D 63 1.86 14.21 -15.98
N GLN D 64 1.77 13.96 -14.67
CA GLN D 64 2.88 14.29 -13.78
C GLN D 64 4.12 13.48 -14.12
N VAL D 65 3.96 12.19 -14.39
CA VAL D 65 5.10 11.33 -14.69
C VAL D 65 5.68 11.66 -16.06
N VAL D 66 4.83 11.84 -17.07
CA VAL D 66 5.31 12.04 -18.42
C VAL D 66 6.01 13.39 -18.56
N LEU D 67 5.39 14.46 -18.04
CA LEU D 67 5.97 15.80 -18.21
C LEU D 67 7.30 15.93 -17.49
N SER D 68 7.40 15.40 -16.27
CA SER D 68 8.67 15.37 -15.54
C SER D 68 9.33 14.03 -15.84
N ARG D 69 10.19 14.01 -16.86
CA ARG D 69 10.72 12.76 -17.41
C ARG D 69 11.61 12.09 -16.37
N GLY D 70 11.09 11.03 -15.76
CA GLY D 70 11.86 10.26 -14.78
C GLY D 70 12.30 11.06 -13.58
N THR D 71 11.43 11.93 -13.06
CA THR D 71 11.80 12.76 -11.92
C THR D 71 10.78 12.63 -10.79
N HIS D 72 9.52 12.44 -11.14
CA HIS D 72 8.44 12.35 -10.16
C HIS D 72 8.00 10.92 -9.88
N GLY D 73 8.74 9.94 -10.38
CA GLY D 73 8.46 8.54 -10.13
C GLY D 73 8.40 7.75 -11.41
N GLY D 74 7.93 6.51 -11.30
CA GLY D 74 7.81 5.63 -12.44
C GLY D 74 6.40 5.13 -12.65
N PHE D 75 6.28 3.89 -13.11
CA PHE D 75 4.98 3.30 -13.40
C PHE D 75 4.26 2.79 -12.16
N LEU D 76 4.96 2.67 -11.02
CA LEU D 76 4.30 2.24 -9.79
C LEU D 76 3.30 3.29 -9.32
N THR D 77 3.67 4.57 -9.41
CA THR D 77 2.75 5.63 -9.04
C THR D 77 1.56 5.71 -9.99
N ILE D 78 1.81 5.47 -11.28
CA ILE D 78 0.73 5.51 -12.27
C ILE D 78 -0.31 4.44 -11.98
N ASN D 79 0.15 3.22 -11.68
CA ASN D 79 -0.77 2.12 -11.42
C ASN D 79 -1.46 2.29 -10.06
N LEU D 80 -0.72 2.78 -9.06
CA LEU D 80 -1.32 3.01 -7.75
C LEU D 80 -2.37 4.10 -7.79
N ALA D 81 -2.10 5.18 -8.53
CA ALA D 81 -3.07 6.27 -8.63
C ALA D 81 -4.34 5.82 -9.34
N PHE D 82 -4.20 5.04 -10.42
CA PHE D 82 -5.37 4.54 -11.13
C PHE D 82 -6.11 3.50 -10.31
N GLY D 83 -5.38 2.65 -9.59
CA GLY D 83 -6.03 1.64 -8.77
C GLY D 83 -6.82 2.24 -7.61
N PHE D 84 -6.26 3.26 -6.96
CA PHE D 84 -6.97 3.90 -5.85
C PHE D 84 -8.10 4.80 -6.33
N ALA D 85 -7.99 5.36 -7.54
CA ALA D 85 -9.05 6.20 -8.07
C ALA D 85 -10.31 5.38 -8.35
N VAL D 86 -10.17 4.10 -8.71
CA VAL D 86 -11.33 3.26 -8.92
C VAL D 86 -12.07 3.01 -7.61
N THR D 87 -11.32 2.83 -6.52
CA THR D 87 -11.95 2.61 -5.22
C THR D 87 -12.81 3.80 -4.80
N LEU D 88 -12.29 5.02 -4.98
CA LEU D 88 -13.06 6.20 -4.64
C LEU D 88 -14.29 6.34 -5.53
N ALA D 89 -14.14 6.06 -6.83
CA ALA D 89 -15.26 6.19 -7.75
C ALA D 89 -16.37 5.20 -7.42
N ILE D 90 -16.00 3.97 -7.05
CA ILE D 90 -17.01 2.97 -6.71
C ILE D 90 -17.71 3.34 -5.42
N LEU D 91 -16.97 3.86 -4.44
CA LEU D 91 -17.58 4.23 -3.17
C LEU D 91 -18.59 5.36 -3.34
N VAL D 92 -18.27 6.33 -4.21
CA VAL D 92 -19.16 7.48 -4.39
C VAL D 92 -20.47 7.07 -5.06
N ALA D 93 -20.38 6.28 -6.13
CA ALA D 93 -21.54 5.95 -6.96
C ALA D 93 -22.01 4.52 -6.81
N GLY D 94 -21.54 3.79 -5.79
CA GLY D 94 -21.90 2.40 -5.65
C GLY D 94 -23.37 2.17 -5.35
N GLN D 95 -23.94 3.01 -4.49
CA GLN D 95 -25.31 2.79 -4.01
C GLN D 95 -26.36 3.41 -4.92
N VAL D 96 -25.98 4.01 -6.05
CA VAL D 96 -26.93 4.62 -6.97
C VAL D 96 -26.99 3.84 -8.28
N SER D 97 -25.87 3.73 -8.99
CA SER D 97 -25.84 3.11 -10.31
C SER D 97 -25.25 1.70 -10.30
N GLY D 98 -24.84 1.20 -9.15
CA GLY D 98 -24.19 -0.10 -9.08
C GLY D 98 -22.69 -0.07 -9.31
N ALA D 99 -22.12 1.09 -9.64
CA ALA D 99 -20.68 1.29 -9.80
C ALA D 99 -20.11 0.35 -10.86
N HIS D 100 -20.58 0.54 -12.09
CA HIS D 100 -20.00 -0.18 -13.23
C HIS D 100 -18.73 0.52 -13.71
N LEU D 101 -18.87 1.77 -14.15
CA LEU D 101 -17.75 2.61 -14.62
C LEU D 101 -16.95 1.94 -15.72
N ASN D 102 -17.56 1.01 -16.45
CA ASN D 102 -16.87 0.26 -17.49
C ASN D 102 -17.88 -0.26 -18.51
N PRO D 103 -17.77 0.13 -19.78
CA PRO D 103 -18.67 -0.44 -20.80
C PRO D 103 -18.53 -1.95 -20.93
N ALA D 104 -17.34 -2.49 -20.64
CA ALA D 104 -17.16 -3.95 -20.71
C ALA D 104 -17.83 -4.64 -19.53
N VAL D 105 -17.72 -4.07 -18.34
CA VAL D 105 -18.38 -4.65 -17.17
C VAL D 105 -19.89 -4.58 -17.32
N THR D 106 -20.41 -3.47 -17.83
CA THR D 106 -21.84 -3.35 -18.05
C THR D 106 -22.33 -4.35 -19.08
N PHE D 107 -21.51 -4.62 -20.10
CA PHE D 107 -21.88 -5.61 -21.11
C PHE D 107 -21.98 -7.00 -20.51
N ALA D 108 -21.07 -7.35 -19.60
CA ALA D 108 -21.10 -8.67 -18.97
C ALA D 108 -22.36 -8.86 -18.15
N MET D 109 -22.78 -7.84 -17.40
CA MET D 109 -23.98 -7.95 -16.58
C MET D 109 -25.21 -8.14 -17.45
N CYS D 110 -25.30 -7.42 -18.56
CA CYS D 110 -26.45 -7.57 -19.46
C CYS D 110 -26.42 -8.92 -20.15
N PHE D 111 -25.24 -9.41 -20.50
CA PHE D 111 -25.13 -10.71 -21.16
C PHE D 111 -25.54 -11.85 -20.23
N LEU D 112 -25.43 -11.65 -18.92
CA LEU D 112 -25.83 -12.64 -17.94
C LEU D 112 -27.29 -12.50 -17.53
N ALA D 113 -28.05 -11.63 -18.20
CA ALA D 113 -29.46 -11.38 -17.90
C ALA D 113 -29.66 -10.87 -16.47
N ARG D 114 -28.64 -10.21 -15.92
CA ARG D 114 -28.74 -9.60 -14.60
C ARG D 114 -29.30 -8.19 -14.65
N GLU D 115 -29.14 -7.50 -15.78
CA GLU D 115 -29.63 -6.14 -15.96
C GLU D 115 -30.30 -6.03 -17.32
N PRO D 116 -31.26 -5.11 -17.47
CA PRO D 116 -31.91 -4.95 -18.76
C PRO D 116 -30.95 -4.45 -19.82
N TRP D 117 -31.26 -4.81 -21.08
CA TRP D 117 -30.43 -4.38 -22.19
C TRP D 117 -30.51 -2.87 -22.44
N ILE D 118 -31.55 -2.21 -21.93
CA ILE D 118 -31.67 -0.77 -22.11
C ILE D 118 -30.63 -0.03 -21.28
N LYS D 119 -30.14 -0.64 -20.20
CA LYS D 119 -29.14 0.00 -19.36
C LYS D 119 -27.78 0.09 -20.00
N LEU D 120 -27.54 -0.63 -21.10
CA LEU D 120 -26.22 -0.62 -21.74
C LEU D 120 -25.98 0.67 -22.53
N PRO D 121 -26.87 1.07 -23.45
CA PRO D 121 -26.63 2.35 -24.15
C PRO D 121 -26.60 3.55 -23.23
N ILE D 122 -27.41 3.54 -22.17
CA ILE D 122 -27.46 4.67 -21.25
C ILE D 122 -26.17 4.78 -20.45
N TYR D 123 -25.68 3.65 -19.92
CA TYR D 123 -24.47 3.68 -19.11
C TYR D 123 -23.24 3.97 -19.95
N THR D 124 -23.18 3.42 -21.18
CA THR D 124 -22.02 3.63 -22.04
C THR D 124 -21.84 5.10 -22.37
N LEU D 125 -22.92 5.79 -22.72
CA LEU D 125 -22.85 7.22 -22.99
C LEU D 125 -22.49 7.99 -21.72
N ALA D 126 -23.05 7.59 -20.58
CA ALA D 126 -22.73 8.24 -19.32
C ALA D 126 -21.29 7.97 -18.89
N GLN D 127 -20.75 6.79 -19.24
CA GLN D 127 -19.37 6.50 -18.90
C GLN D 127 -18.41 7.27 -19.82
N THR D 128 -18.71 7.32 -21.12
CA THR D 128 -17.86 8.06 -22.05
C THR D 128 -17.90 9.56 -21.77
N LEU D 129 -19.09 10.09 -21.48
CA LEU D 129 -19.23 11.50 -21.09
C LEU D 129 -18.92 11.61 -19.60
N GLY D 130 -17.71 12.08 -19.30
CA GLY D 130 -17.20 12.06 -17.94
C GLY D 130 -15.76 11.61 -17.97
N ALA D 131 -15.44 10.71 -18.89
CA ALA D 131 -14.05 10.52 -19.29
C ALA D 131 -13.61 11.64 -20.21
N PHE D 132 -14.52 12.09 -21.09
CA PHE D 132 -14.26 13.30 -21.86
C PHE D 132 -14.15 14.52 -20.96
N LEU D 133 -15.03 14.63 -19.97
CA LEU D 133 -14.98 15.76 -19.04
C LEU D 133 -13.80 15.64 -18.10
N GLY D 134 -13.50 14.42 -17.63
CA GLY D 134 -12.37 14.24 -16.74
C GLY D 134 -11.04 14.59 -17.38
N ALA D 135 -10.90 14.30 -18.67
CA ALA D 135 -9.68 14.66 -19.38
C ALA D 135 -9.60 16.17 -19.63
N GLY D 136 -10.75 16.85 -19.68
CA GLY D 136 -10.73 18.29 -19.86
C GLY D 136 -10.14 19.02 -18.66
N ILE D 137 -10.40 18.53 -17.45
CA ILE D 137 -9.85 19.15 -16.26
C ILE D 137 -8.34 18.95 -16.20
N VAL D 138 -7.86 17.77 -16.62
CA VAL D 138 -6.43 17.51 -16.62
C VAL D 138 -5.71 18.43 -17.60
N PHE D 139 -6.34 18.71 -18.75
CA PHE D 139 -5.74 19.64 -19.70
C PHE D 139 -5.67 21.04 -19.13
N GLY D 140 -6.69 21.47 -18.40
CA GLY D 140 -6.67 22.79 -17.80
C GLY D 140 -5.60 22.94 -16.73
N LEU D 141 -5.42 21.89 -15.92
CA LEU D 141 -4.43 21.96 -14.85
C LEU D 141 -3.01 21.97 -15.39
N TYR D 142 -2.75 21.26 -16.50
CA TYR D 142 -1.42 21.14 -17.07
C TYR D 142 -1.32 21.83 -18.43
N TYR D 143 -2.03 22.95 -18.60
CA TYR D 143 -2.02 23.64 -19.88
C TYR D 143 -0.63 24.16 -20.22
N ASP D 144 0.00 24.88 -19.29
CA ASP D 144 1.29 25.50 -19.57
C ASP D 144 2.38 24.45 -19.76
N ALA D 145 2.37 23.40 -18.93
CA ALA D 145 3.45 22.41 -19.00
C ALA D 145 3.35 21.56 -20.27
N ILE D 146 2.13 21.25 -20.71
CA ILE D 146 1.96 20.41 -21.89
C ILE D 146 2.49 21.10 -23.13
N TRP D 147 2.19 22.39 -23.29
CA TRP D 147 2.62 23.12 -24.48
C TRP D 147 4.13 23.32 -24.50
N ALA D 148 4.78 23.33 -23.34
CA ALA D 148 6.21 23.55 -23.26
C ALA D 148 7.02 22.28 -23.50
N PHE D 149 6.37 21.13 -23.69
CA PHE D 149 7.10 19.90 -23.91
C PHE D 149 7.92 19.95 -25.20
N ALA D 150 7.34 20.51 -26.26
CA ALA D 150 8.00 20.60 -27.57
C ALA D 150 8.05 22.04 -28.06
N GLY D 151 8.27 22.98 -27.13
CA GLY D 151 8.33 24.38 -27.48
C GLY D 151 6.97 25.04 -27.43
N ASN D 152 6.33 25.20 -28.60
CA ASN D 152 4.98 25.74 -28.68
C ASN D 152 4.15 24.94 -29.67
N GLU D 153 4.30 23.62 -29.65
CA GLU D 153 3.60 22.74 -30.57
C GLU D 153 3.16 21.48 -29.84
N LEU D 154 2.11 20.86 -30.37
CA LEU D 154 1.56 19.62 -29.82
C LEU D 154 1.91 18.47 -30.75
N VAL D 155 2.58 17.45 -30.21
CA VAL D 155 3.02 16.29 -30.98
C VAL D 155 2.32 15.06 -30.44
N VAL D 156 1.71 14.29 -31.34
CA VAL D 156 0.88 13.16 -30.92
C VAL D 156 1.75 12.06 -30.31
N SER D 157 2.85 11.70 -30.97
CA SER D 157 3.67 10.60 -30.51
C SER D 157 5.12 10.86 -30.90
N GLY D 158 6.03 10.17 -30.21
CA GLY D 158 7.44 10.32 -30.43
C GLY D 158 8.18 10.60 -29.14
N PRO D 159 9.36 11.20 -29.23
CA PRO D 159 10.10 11.57 -28.01
C PRO D 159 9.38 12.64 -27.20
N ASN D 160 9.01 13.73 -27.87
CA ASN D 160 8.25 14.82 -27.22
C ASN D 160 6.76 14.68 -27.52
N GLY D 161 6.18 13.58 -27.05
CA GLY D 161 4.78 13.30 -27.30
C GLY D 161 3.93 13.43 -26.05
N THR D 162 2.95 14.34 -26.09
CA THR D 162 2.08 14.58 -24.95
C THR D 162 0.68 14.01 -25.13
N ALA D 163 0.35 13.49 -26.31
CA ALA D 163 -0.97 12.90 -26.51
C ALA D 163 -1.11 11.54 -25.86
N GLY D 164 0.00 10.92 -25.44
CA GLY D 164 -0.08 9.65 -24.74
C GLY D 164 -0.49 9.75 -23.29
N ILE D 165 -0.62 10.97 -22.78
CA ILE D 165 -1.10 11.15 -21.41
C ILE D 165 -2.56 10.74 -21.28
N PHE D 166 -3.36 11.03 -22.32
CA PHE D 166 -4.81 10.82 -22.25
C PHE D 166 -5.23 9.46 -22.77
N ALA D 167 -4.66 9.00 -23.88
CA ALA D 167 -5.03 7.73 -24.48
C ALA D 167 -3.83 6.79 -24.51
N THR D 168 -4.00 5.64 -25.15
CA THR D 168 -2.96 4.64 -25.28
C THR D 168 -2.55 4.51 -26.75
N TYR D 169 -1.25 4.38 -26.97
CA TYR D 169 -0.70 4.28 -28.32
C TYR D 169 0.23 3.08 -28.42
N PRO D 170 0.31 2.45 -29.59
CA PRO D 170 1.16 1.27 -29.74
C PRO D 170 2.63 1.58 -29.57
N SER D 171 3.36 0.62 -29.02
CA SER D 171 4.79 0.68 -28.87
C SER D 171 5.46 -0.20 -29.92
N GLY D 172 6.78 -0.37 -29.82
CA GLY D 172 7.48 -1.22 -30.76
C GLY D 172 7.08 -2.67 -30.65
N HIS D 173 6.91 -3.18 -29.43
CA HIS D 173 6.49 -4.54 -29.18
C HIS D 173 4.99 -4.66 -28.96
N LEU D 174 4.24 -3.59 -29.20
CA LEU D 174 2.80 -3.57 -28.94
C LEU D 174 2.02 -3.30 -30.21
N ASP D 175 2.33 -4.01 -31.28
CA ASP D 175 1.66 -3.82 -32.56
C ASP D 175 0.19 -4.23 -32.45
N MET D 176 -0.53 -4.08 -33.57
CA MET D 176 -1.96 -4.35 -33.58
C MET D 176 -2.26 -5.80 -33.21
N VAL D 177 -1.50 -6.75 -33.77
CA VAL D 177 -1.70 -8.15 -33.44
C VAL D 177 -1.31 -8.43 -31.99
N ASN D 178 -0.18 -7.88 -31.55
CA ASN D 178 0.27 -8.09 -30.18
C ASN D 178 -0.65 -7.40 -29.18
N GLY D 179 -0.98 -6.12 -29.44
CA GLY D 179 -1.76 -5.35 -28.50
C GLY D 179 -3.20 -5.77 -28.38
N PHE D 180 -3.73 -6.47 -29.38
CA PHE D 180 -5.12 -6.93 -29.32
C PHE D 180 -5.33 -7.94 -28.20
N PHE D 181 -4.38 -8.87 -28.03
CA PHE D 181 -4.57 -9.95 -27.08
C PHE D 181 -4.36 -9.51 -25.63
N ASP D 182 -3.55 -8.46 -25.40
CA ASP D 182 -3.40 -7.94 -24.05
C ASP D 182 -4.72 -7.38 -23.52
N GLN D 183 -5.47 -6.69 -24.38
CA GLN D 183 -6.78 -6.18 -23.97
C GLN D 183 -7.76 -7.31 -23.73
N PHE D 184 -7.74 -8.34 -24.58
CA PHE D 184 -8.63 -9.48 -24.39
C PHE D 184 -8.31 -10.22 -23.11
N ILE D 185 -7.02 -10.47 -22.84
CA ILE D 185 -6.64 -11.19 -21.64
C ILE D 185 -6.87 -10.35 -20.40
N GLY D 186 -6.56 -9.05 -20.48
CA GLY D 186 -6.72 -8.19 -19.32
C GLY D 186 -8.18 -8.01 -18.93
N THR D 187 -9.06 -7.87 -19.91
CA THR D 187 -10.47 -7.65 -19.61
C THR D 187 -11.13 -8.92 -19.09
N ALA D 188 -10.72 -10.09 -19.60
CA ALA D 188 -11.27 -11.35 -19.12
C ALA D 188 -10.94 -11.56 -17.65
N ALA D 189 -9.70 -11.26 -17.26
CA ALA D 189 -9.33 -11.38 -15.85
C ALA D 189 -10.09 -10.40 -14.98
N LEU D 190 -10.30 -9.17 -15.47
CA LEU D 190 -11.06 -8.19 -14.71
C LEU D 190 -12.51 -8.61 -14.53
N ILE D 191 -13.11 -9.19 -15.57
CA ILE D 191 -14.51 -9.62 -15.48
C ILE D 191 -14.65 -10.77 -14.50
N VAL D 192 -13.70 -11.71 -14.51
CA VAL D 192 -13.78 -12.87 -13.64
C VAL D 192 -13.72 -12.44 -12.17
N CYS D 193 -12.80 -11.53 -11.84
CA CYS D 193 -12.69 -11.06 -10.47
C CYS D 193 -13.91 -10.26 -10.05
N VAL D 194 -14.45 -9.44 -10.96
CA VAL D 194 -15.64 -8.65 -10.64
C VAL D 194 -16.84 -9.57 -10.41
N LEU D 195 -17.00 -10.58 -11.27
CA LEU D 195 -18.15 -11.47 -11.15
C LEU D 195 -18.13 -12.27 -9.86
N ALA D 196 -16.94 -12.56 -9.32
CA ALA D 196 -16.84 -13.40 -8.13
C ALA D 196 -17.28 -12.67 -6.87
N ILE D 197 -17.09 -11.35 -6.82
CA ILE D 197 -17.37 -10.58 -5.61
C ILE D 197 -18.76 -9.97 -5.61
N VAL D 198 -19.52 -10.12 -6.70
CA VAL D 198 -20.87 -9.58 -6.79
C VAL D 198 -21.90 -10.69 -7.02
N ASP D 199 -21.50 -11.95 -6.88
CA ASP D 199 -22.41 -13.06 -7.14
C ASP D 199 -23.49 -13.14 -6.05
N PRO D 200 -24.77 -13.11 -6.41
CA PRO D 200 -25.81 -13.21 -5.37
C PRO D 200 -25.78 -14.51 -4.60
N TYR D 201 -25.38 -15.62 -5.23
CA TYR D 201 -25.37 -16.91 -4.55
C TYR D 201 -24.26 -17.04 -3.54
N ASN D 202 -23.31 -16.10 -3.49
CA ASN D 202 -22.23 -16.12 -2.52
C ASN D 202 -22.59 -15.21 -1.34
N ASN D 203 -21.70 -15.19 -0.36
CA ASN D 203 -21.92 -14.35 0.82
C ASN D 203 -21.87 -12.88 0.42
N PRO D 204 -22.83 -12.06 0.84
CA PRO D 204 -22.80 -10.64 0.48
C PRO D 204 -21.62 -9.91 1.10
N VAL D 205 -20.71 -9.44 0.26
CA VAL D 205 -19.53 -8.73 0.75
C VAL D 205 -19.96 -7.39 1.36
N PRO D 206 -19.44 -7.01 2.52
CA PRO D 206 -19.84 -5.72 3.11
C PRO D 206 -19.40 -4.54 2.26
N ARG D 207 -20.13 -3.45 2.39
CA ARG D 207 -19.80 -2.22 1.66
C ARG D 207 -18.44 -1.71 2.11
N GLY D 208 -17.70 -1.14 1.16
CA GLY D 208 -16.37 -0.62 1.43
C GLY D 208 -15.26 -1.62 1.21
N LEU D 209 -15.57 -2.89 0.98
CA LEU D 209 -14.57 -3.89 0.64
C LEU D 209 -14.70 -4.40 -0.79
N GLU D 210 -15.89 -4.30 -1.38
CA GLU D 210 -16.03 -4.57 -2.82
C GLU D 210 -15.33 -3.50 -3.64
N ALA D 211 -15.34 -2.25 -3.18
CA ALA D 211 -14.62 -1.20 -3.88
C ALA D 211 -13.12 -1.43 -3.84
N PHE D 212 -12.58 -1.85 -2.70
CA PHE D 212 -11.15 -2.08 -2.59
C PHE D 212 -10.71 -3.25 -3.46
N THR D 213 -11.54 -4.30 -3.56
CA THR D 213 -11.16 -5.46 -4.35
C THR D 213 -11.05 -5.12 -5.84
N VAL D 214 -11.99 -4.32 -6.36
CA VAL D 214 -11.94 -3.95 -7.77
C VAL D 214 -10.72 -3.07 -8.05
N GLY D 215 -10.40 -2.16 -7.12
CA GLY D 215 -9.20 -1.36 -7.28
C GLY D 215 -7.93 -2.18 -7.29
N LEU D 216 -7.91 -3.29 -6.54
CA LEU D 216 -6.75 -4.17 -6.56
C LEU D 216 -6.56 -4.80 -7.93
N VAL D 217 -7.65 -5.19 -8.59
CA VAL D 217 -7.55 -5.79 -9.93
C VAL D 217 -6.95 -4.80 -10.92
N VAL D 218 -7.39 -3.53 -10.85
CA VAL D 218 -6.89 -2.53 -11.78
C VAL D 218 -5.39 -2.32 -11.59
N LEU D 219 -4.94 -2.26 -10.33
CA LEU D 219 -3.52 -2.06 -10.07
C LEU D 219 -2.69 -3.26 -10.52
N VAL D 220 -3.18 -4.48 -10.29
CA VAL D 220 -2.43 -5.68 -10.65
C VAL D 220 -2.36 -5.84 -12.16
N ILE D 221 -3.48 -5.57 -12.86
CA ILE D 221 -3.51 -5.75 -14.31
C ILE D 221 -2.51 -4.82 -14.98
N GLY D 222 -2.43 -3.57 -14.54
CA GLY D 222 -1.47 -2.64 -15.13
C GLY D 222 -0.04 -3.07 -14.89
N THR D 223 0.25 -3.61 -13.70
CA THR D 223 1.61 -4.06 -13.39
C THR D 223 1.99 -5.26 -14.24
N SER D 224 1.06 -6.19 -14.46
CA SER D 224 1.39 -7.42 -15.16
C SER D 224 1.41 -7.23 -16.67
N MET D 225 0.29 -6.82 -17.25
CA MET D 225 0.20 -6.66 -18.70
C MET D 225 1.05 -5.48 -19.16
N GLY D 226 1.44 -5.53 -20.44
CA GLY D 226 2.34 -4.53 -20.99
C GLY D 226 1.67 -3.25 -21.43
N PHE D 227 0.95 -2.60 -20.51
CA PHE D 227 0.32 -1.31 -20.77
C PHE D 227 0.65 -0.39 -19.61
N ASN D 228 1.48 0.63 -19.86
CA ASN D 228 1.96 1.54 -18.84
C ASN D 228 1.15 2.84 -18.78
N SER D 229 -0.10 2.81 -19.22
CA SER D 229 -0.96 3.99 -19.17
C SER D 229 -1.94 3.98 -18.01
N GLY D 230 -2.39 2.80 -17.59
CA GLY D 230 -3.30 2.70 -16.47
C GLY D 230 -4.73 2.44 -16.88
N TYR D 231 -5.31 1.36 -16.38
CA TYR D 231 -6.70 0.98 -16.67
C TYR D 231 -6.96 0.93 -18.18
N ALA D 232 -6.07 0.25 -18.89
CA ALA D 232 -6.18 0.14 -20.34
C ALA D 232 -7.35 -0.74 -20.79
N VAL D 233 -7.99 -1.44 -19.87
CA VAL D 233 -9.07 -2.36 -20.21
C VAL D 233 -10.44 -1.69 -20.10
N ASN D 234 -10.48 -0.36 -20.06
CA ASN D 234 -11.73 0.38 -20.00
C ASN D 234 -12.00 1.06 -21.33
N PRO D 235 -13.02 0.65 -22.08
CA PRO D 235 -13.30 1.33 -23.36
C PRO D 235 -13.64 2.81 -23.20
N ALA D 236 -14.30 3.19 -22.12
CA ALA D 236 -14.64 4.60 -21.92
C ALA D 236 -13.41 5.43 -21.58
N ARG D 237 -12.48 4.87 -20.81
CA ARG D 237 -11.26 5.58 -20.44
C ARG D 237 -10.38 5.85 -21.66
N ASP D 238 -10.57 5.12 -22.76
CA ASP D 238 -9.78 5.31 -23.96
C ASP D 238 -10.47 6.19 -24.99
N PHE D 239 -11.74 5.93 -25.29
CA PHE D 239 -12.43 6.70 -26.32
C PHE D 239 -12.73 8.13 -25.85
N GLY D 240 -13.00 8.31 -24.56
CA GLY D 240 -13.31 9.62 -24.03
C GLY D 240 -12.18 10.61 -24.21
N PRO D 241 -11.06 10.36 -23.52
CA PRO D 241 -9.90 11.25 -23.67
C PRO D 241 -9.38 11.36 -25.10
N ARG D 242 -9.44 10.28 -25.88
CA ARG D 242 -8.99 10.35 -27.27
C ARG D 242 -9.87 11.29 -28.08
N LEU D 243 -11.18 11.27 -27.83
CA LEU D 243 -12.07 12.22 -28.49
C LEU D 243 -11.78 13.65 -28.07
N PHE D 244 -11.29 13.84 -26.84
CA PHE D 244 -10.97 15.18 -26.37
C PHE D 244 -9.71 15.72 -27.05
N THR D 245 -8.68 14.89 -27.19
CA THR D 245 -7.43 15.34 -27.79
C THR D 245 -7.62 15.74 -29.25
N ALA D 246 -8.60 15.15 -29.92
CA ALA D 246 -8.86 15.53 -31.31
C ALA D 246 -9.32 16.97 -31.42
N LEU D 247 -10.15 17.42 -30.48
CA LEU D 247 -10.65 18.79 -30.49
C LEU D 247 -9.79 19.76 -29.68
N ALA D 248 -8.91 19.25 -28.82
CA ALA D 248 -8.10 20.11 -27.98
C ALA D 248 -6.99 20.80 -28.74
N GLY D 249 -6.56 20.24 -29.88
CA GLY D 249 -5.51 20.86 -30.65
C GLY D 249 -4.54 19.87 -31.27
N TRP D 250 -4.64 18.60 -30.88
CA TRP D 250 -3.76 17.59 -31.45
C TRP D 250 -4.16 17.20 -32.87
N GLY D 251 -5.34 17.60 -33.33
CA GLY D 251 -5.79 17.28 -34.67
C GLY D 251 -6.40 15.90 -34.75
N SER D 252 -6.72 15.50 -35.99
CA SER D 252 -7.31 14.21 -36.27
C SER D 252 -6.28 13.09 -36.38
N GLU D 253 -5.00 13.41 -36.22
CA GLU D 253 -3.95 12.40 -36.31
C GLU D 253 -4.01 11.38 -35.17
N VAL D 254 -4.75 11.68 -34.10
CA VAL D 254 -4.87 10.73 -33.00
C VAL D 254 -5.68 9.50 -33.42
N PHE D 255 -6.40 9.58 -34.54
CA PHE D 255 -7.18 8.45 -35.03
C PHE D 255 -6.50 7.69 -36.15
N THR D 256 -5.67 8.36 -36.95
CA THR D 256 -5.03 7.74 -38.11
C THR D 256 -3.63 7.22 -37.82
N THR D 257 -3.14 7.36 -36.59
CA THR D 257 -1.81 6.89 -36.24
C THR D 257 -1.84 5.42 -35.84
N GLY D 258 -0.66 4.79 -35.91
CA GLY D 258 -0.54 3.39 -35.53
C GLY D 258 -1.35 2.45 -36.38
N GLN D 259 -1.51 2.75 -37.67
CA GLN D 259 -2.30 1.92 -38.58
C GLN D 259 -3.72 1.72 -38.07
N ASN D 260 -4.34 2.83 -37.66
CA ASN D 260 -5.71 2.85 -37.13
C ASN D 260 -5.83 1.93 -35.91
N TRP D 261 -5.08 2.28 -34.87
CA TRP D 261 -5.10 1.53 -33.62
C TRP D 261 -6.29 1.87 -32.74
N TRP D 262 -6.96 2.98 -33.01
CA TRP D 262 -7.93 3.53 -32.05
C TRP D 262 -9.12 2.61 -31.80
N TRP D 263 -9.46 1.72 -32.73
CA TRP D 263 -10.60 0.84 -32.52
C TRP D 263 -10.26 -0.40 -31.72
N VAL D 264 -8.97 -0.73 -31.57
CA VAL D 264 -8.59 -1.90 -30.79
C VAL D 264 -8.98 -1.77 -29.32
N PRO D 265 -8.70 -0.66 -28.63
CA PRO D 265 -9.05 -0.59 -27.19
C PRO D 265 -10.55 -0.55 -26.93
N ILE D 266 -11.40 -0.65 -27.95
CA ILE D 266 -12.84 -0.69 -27.78
C ILE D 266 -13.38 -2.09 -28.05
N VAL D 267 -13.03 -2.68 -29.18
CA VAL D 267 -13.58 -3.97 -29.58
C VAL D 267 -13.03 -5.08 -28.68
N SER D 268 -11.72 -5.08 -28.43
CA SER D 268 -11.11 -6.18 -27.70
C SER D 268 -11.62 -6.33 -26.26
N PRO D 269 -11.72 -5.27 -25.45
CA PRO D 269 -12.29 -5.47 -24.10
C PRO D 269 -13.74 -5.93 -24.12
N LEU D 270 -14.52 -5.55 -25.14
CA LEU D 270 -15.88 -6.05 -25.26
C LEU D 270 -15.90 -7.54 -25.52
N LEU D 271 -14.97 -8.03 -26.35
CA LEU D 271 -14.87 -9.47 -26.59
C LEU D 271 -14.38 -10.20 -25.34
N GLY D 272 -13.44 -9.60 -24.61
CA GLY D 272 -12.93 -10.24 -23.42
C GLY D 272 -13.95 -10.36 -22.30
N SER D 273 -14.96 -9.49 -22.29
CA SER D 273 -16.03 -9.61 -21.32
C SER D 273 -16.84 -10.89 -21.56
N ILE D 274 -17.10 -11.22 -22.83
CA ILE D 274 -17.77 -12.47 -23.15
C ILE D 274 -16.91 -13.66 -22.77
N GLY D 275 -15.61 -13.60 -23.07
CA GLY D 275 -14.71 -14.67 -22.70
C GLY D 275 -14.55 -14.81 -21.19
N GLY D 276 -14.52 -13.68 -20.48
CA GLY D 276 -14.45 -13.73 -19.04
C GLY D 276 -15.70 -14.31 -18.40
N VAL D 277 -16.87 -14.04 -18.99
CA VAL D 277 -18.11 -14.59 -18.47
C VAL D 277 -18.12 -16.10 -18.60
N PHE D 278 -17.69 -16.62 -19.75
CA PHE D 278 -17.68 -18.06 -19.96
C PHE D 278 -16.68 -18.76 -19.05
N VAL D 279 -15.53 -18.14 -18.80
CA VAL D 279 -14.51 -18.76 -17.96
C VAL D 279 -15.02 -18.91 -16.52
N TYR D 280 -15.62 -17.85 -15.99
CA TYR D 280 -16.13 -17.92 -14.62
C TYR D 280 -17.33 -18.84 -14.51
N GLN D 281 -18.24 -18.77 -15.48
CA GLN D 281 -19.45 -19.60 -15.42
C GLN D 281 -19.14 -21.07 -15.59
N LEU D 282 -18.14 -21.42 -16.41
CA LEU D 282 -17.79 -22.81 -16.61
C LEU D 282 -17.23 -23.44 -15.35
N MET D 283 -16.39 -22.71 -14.61
CA MET D 283 -15.69 -23.28 -13.47
C MET D 283 -16.46 -23.07 -12.16
N ILE D 284 -16.94 -21.86 -11.90
CA ILE D 284 -17.55 -21.51 -10.64
C ILE D 284 -19.01 -21.13 -10.78
N GLY D 285 -19.36 -20.41 -11.85
CA GLY D 285 -20.69 -19.83 -11.94
C GLY D 285 -21.80 -20.87 -12.00
N CYS D 286 -21.62 -21.90 -12.84
CA CYS D 286 -22.67 -22.88 -13.05
C CYS D 286 -22.66 -24.00 -12.01
N HIS D 287 -21.73 -23.99 -11.06
CA HIS D 287 -21.61 -25.02 -10.05
C HIS D 287 -21.68 -24.43 -8.65
N LEU D 288 -22.64 -23.53 -8.43
CA LEU D 288 -22.83 -22.90 -7.13
C LEU D 288 -24.17 -23.26 -6.50
N GLU D 289 -25.26 -23.13 -7.27
CA GLU D 289 -26.61 -23.47 -6.80
C GLU D 289 -26.98 -22.71 -5.53
#